data_3GIS
#
_entry.id   3GIS
#
_cell.length_a   66.250
_cell.length_b   100.340
_cell.length_c   229.280
_cell.angle_alpha   90.000
_cell.angle_beta   90.000
_cell.angle_gamma   90.000
#
_symmetry.space_group_name_H-M   'P 21 21 21'
#
loop_
_entity.id
_entity.type
_entity.pdbx_description
1 polymer Prothrombin
2 polymer Prothrombin
3 polymer Thrombomodulin
4 non-polymer 'SULFATE ION'
5 non-polymer 'CALCIUM ION'
6 water water
#
loop_
_entity_poly.entity_id
_entity_poly.type
_entity_poly.pdbx_seq_one_letter_code
_entity_poly.pdbx_strand_id
1 'polypeptide(L)' TATSEYQTFFNPRTFGSGEADCGLRPLFEKKSLEDKTERELLESYIDGR A,C,E
2 'polypeptide(L)'
;IVEGSDAEIGMSPWQVMLFRKSPQELLCGASLISDRWVLTAAHCLLYPPWDKNFTENDLLVRIGKHSRTRYERNIEKISM
LEKIYIHPRYNWRENLDRDIALMKLKKPVAFSDYIHPVCLPDRETAASLLQAGYKGRVTGWGNLKETWTANVGKGQPSVL
QVVNLPIVERPVCKDSTRIRITDNMFCAGYKPDEGKRGDACEGDAGGPFVMKSPFNNRWYQMGIVSWGEGCDRDGKYGFY
THVFRLKKWIQKVIDQFGE
;
B,D,F
3 'polypeptide(L)'
;VEPVDPCFRANCEYQCQPLNQTSYLCVCAEGFAPIPHEPHRCQLFCNQTACPADCDPNTQASCECPEGYILDDGFICTDI
DECENGGFCSGVCHNLPGTFECICGPDSALAGQIGTDCDSG
;
X,Y,Z
#
# COMPACT_ATOMS: atom_id res chain seq x y z
N SER A 4 -13.70 25.42 12.23
CA SER A 4 -13.70 24.20 13.09
C SER A 4 -12.45 24.13 13.97
N GLU A 5 -12.51 24.76 15.13
CA GLU A 5 -11.39 24.77 16.07
C GLU A 5 -11.30 23.46 16.84
N TYR A 6 -10.21 22.73 16.60
CA TYR A 6 -9.96 21.46 17.27
C TYR A 6 -8.62 21.56 17.98
N GLN A 7 -8.53 20.96 19.15
CA GLN A 7 -7.29 20.96 19.94
C GLN A 7 -6.66 19.58 19.89
N THR A 8 -5.45 19.48 19.36
CA THR A 8 -4.80 18.18 19.28
C THR A 8 -4.52 17.68 20.68
N PHE A 9 -4.51 16.37 20.83
CA PHE A 9 -4.28 15.74 22.13
C PHE A 9 -3.08 14.82 22.10
N PHE A 10 -2.79 14.24 20.94
CA PHE A 10 -1.67 13.32 20.82
C PHE A 10 -0.46 13.96 20.18
N ASN A 11 0.68 13.31 20.34
CA ASN A 11 1.94 13.78 19.77
C ASN A 11 2.14 13.01 18.46
N PRO A 12 2.09 13.71 17.31
CA PRO A 12 2.26 13.08 16.00
C PRO A 12 3.47 12.15 15.82
N ARG A 13 4.48 12.31 16.67
CA ARG A 13 5.66 11.46 16.58
C ARG A 13 5.30 9.99 16.86
N THR A 14 4.42 9.78 17.84
CA THR A 14 3.97 8.44 18.21
C THR A 14 2.57 8.14 17.72
N PHE A 15 1.76 9.18 17.52
CA PHE A 15 0.38 9.01 17.08
C PHE A 15 0.27 8.95 15.57
N GLY A 16 1.26 9.51 14.89
CA GLY A 16 1.23 9.54 13.43
C GLY A 16 0.57 10.86 13.05
N SER A 17 0.32 11.05 11.76
CA SER A 17 -0.31 12.29 11.32
C SER A 17 -1.81 12.09 11.13
N GLY A 18 -2.55 13.19 11.13
CA GLY A 18 -3.98 13.14 10.92
C GLY A 18 -4.91 13.76 11.95
N GLU A 19 -4.49 13.79 13.22
CA GLU A 19 -5.37 14.31 14.26
C GLU A 19 -5.92 15.71 14.04
N ALA A 20 -5.08 16.62 13.57
CA ALA A 20 -5.48 18.01 13.34
C ALA A 20 -6.66 18.15 12.39
N ASP A 21 -6.76 17.25 11.43
CA ASP A 21 -7.84 17.30 10.46
C ASP A 21 -8.87 16.17 10.62
N CYS A 22 -8.89 15.54 11.80
CA CYS A 22 -9.81 14.44 12.10
C CYS A 22 -11.28 14.87 12.06
N GLY A 23 -12.17 13.91 11.84
CA GLY A 23 -13.58 14.22 11.84
C GLY A 23 -14.16 15.05 10.71
N LEU A 24 -13.35 15.44 9.74
CA LEU A 24 -13.86 16.22 8.62
C LEU A 24 -13.79 15.38 7.34
N ARG A 25 -14.93 14.89 6.91
CA ARG A 25 -15.01 14.04 5.73
C ARG A 25 -14.76 14.78 4.43
N PRO A 26 -13.76 14.34 3.66
CA PRO A 26 -13.42 14.95 2.38
C PRO A 26 -14.61 15.12 1.43
N LEU A 27 -15.51 14.14 1.41
CA LEU A 27 -16.67 14.19 0.54
C LEU A 27 -17.87 14.91 1.14
N PHE A 28 -17.73 15.44 2.34
CA PHE A 28 -18.85 16.14 2.95
C PHE A 28 -18.46 17.45 3.61
N GLU A 29 -18.01 17.42 4.86
CA GLU A 29 -17.64 18.66 5.52
C GLU A 29 -16.70 19.50 4.66
N LYS A 30 -15.72 18.85 4.03
CA LYS A 30 -14.75 19.54 3.19
C LYS A 30 -15.35 20.11 1.91
N LYS A 31 -16.57 19.70 1.57
CA LYS A 31 -17.20 20.18 0.36
C LYS A 31 -18.54 20.82 0.67
N SER A 32 -18.72 21.19 1.94
CA SER A 32 -19.95 21.81 2.40
C SER A 32 -21.18 21.01 1.99
N LEU A 33 -21.04 19.69 2.00
CA LEU A 33 -22.15 18.80 1.66
C LEU A 33 -22.49 18.03 2.93
N GLU A 34 -23.76 17.67 3.07
CA GLU A 34 -24.22 16.91 4.22
C GLU A 34 -24.73 15.55 3.77
N ASP A 35 -24.61 14.53 4.61
CA ASP A 35 -25.13 13.24 4.20
C ASP A 35 -26.63 13.21 4.46
N LYS A 36 -27.29 12.16 3.97
CA LYS A 36 -28.73 12.02 4.08
C LYS A 36 -29.36 12.02 5.48
N THR A 37 -28.66 11.53 6.48
CA THR A 37 -29.25 11.46 7.81
C THR A 37 -28.57 12.28 8.88
N GLU A 38 -27.56 13.03 8.47
CA GLU A 38 -26.79 13.87 9.36
C GLU A 38 -27.67 14.80 10.21
N ARG A 39 -28.59 15.50 9.57
CA ARG A 39 -29.44 16.41 10.31
C ARG A 39 -30.28 15.74 11.39
N GLU A 40 -30.57 14.46 11.23
CA GLU A 40 -31.33 13.73 12.22
C GLU A 40 -30.54 13.68 13.54
N LEU A 41 -29.22 13.64 13.41
CA LEU A 41 -28.33 13.61 14.56
C LEU A 41 -28.34 14.95 15.28
N LEU A 42 -28.19 16.02 14.53
CA LEU A 42 -28.19 17.37 15.08
C LEU A 42 -29.54 17.67 15.74
N GLU A 43 -30.64 17.28 15.09
CA GLU A 43 -31.97 17.49 15.64
C GLU A 43 -32.12 16.81 17.00
N SER A 44 -31.38 15.73 17.21
CA SER A 44 -31.47 14.98 18.46
C SER A 44 -30.79 15.66 19.65
N TYR A 45 -30.13 16.79 19.40
CA TYR A 45 -29.49 17.51 20.49
C TYR A 45 -30.48 18.44 21.17
N ILE A 46 -31.71 18.48 20.66
CA ILE A 46 -32.72 19.35 21.23
C ILE A 46 -32.96 19.01 22.70
N ASP A 47 -32.92 20.04 23.55
CA ASP A 47 -33.13 19.85 24.99
C ASP A 47 -34.45 20.46 25.43
N GLY A 48 -35.46 19.61 25.57
CA GLY A 48 -36.75 20.09 26.02
C GLY A 48 -36.53 20.56 27.43
N ARG A 49 -37.24 21.59 27.85
CA ARG A 49 -37.08 22.10 29.19
C ARG A 49 -38.18 21.59 30.11
N ILE B 1 -25.55 -4.71 10.76
CA ILE B 1 -26.51 -3.62 11.11
C ILE B 1 -27.92 -4.04 10.76
N VAL B 2 -28.79 -4.08 11.77
CA VAL B 2 -30.18 -4.45 11.57
C VAL B 2 -31.02 -3.20 11.40
N GLU B 3 -31.93 -3.23 10.44
CA GLU B 3 -32.83 -2.10 10.19
C GLU B 3 -32.11 -0.79 9.89
N GLY B 4 -30.99 -0.88 9.18
CA GLY B 4 -30.26 0.31 8.81
C GLY B 4 -30.49 0.61 7.35
N SER B 5 -29.52 1.23 6.71
CA SER B 5 -29.64 1.55 5.30
C SER B 5 -28.24 1.59 4.71
N ASP B 6 -28.15 1.63 3.39
CA ASP B 6 -26.85 1.67 2.75
C ASP B 6 -26.15 2.99 3.06
N ALA B 7 -24.87 2.92 3.37
CA ALA B 7 -24.13 4.14 3.65
C ALA B 7 -23.87 4.80 2.31
N GLU B 8 -23.53 6.08 2.35
CA GLU B 8 -23.23 6.82 1.13
C GLU B 8 -21.72 6.71 0.95
N ILE B 9 -21.24 6.91 -0.28
CA ILE B 9 -19.81 6.83 -0.53
C ILE B 9 -19.10 7.86 0.36
N GLY B 10 -17.99 7.46 0.96
CA GLY B 10 -17.23 8.36 1.81
C GLY B 10 -17.92 8.85 3.07
N MET B 11 -19.07 8.25 3.39
CA MET B 11 -19.83 8.62 4.58
C MET B 11 -19.05 8.35 5.87
N SER B 12 -18.35 7.22 5.91
CA SER B 12 -17.55 6.85 7.09
C SER B 12 -16.13 6.51 6.66
N PRO B 13 -15.33 7.53 6.33
CA PRO B 13 -13.93 7.38 5.87
C PRO B 13 -13.02 6.70 6.86
N TRP B 14 -13.47 6.58 8.11
CA TRP B 14 -12.67 5.95 9.16
C TRP B 14 -13.06 4.50 9.39
N GLN B 15 -14.14 4.06 8.75
CA GLN B 15 -14.58 2.69 8.93
C GLN B 15 -13.50 1.74 8.44
N VAL B 16 -13.20 0.74 9.24
CA VAL B 16 -12.19 -0.24 8.86
C VAL B 16 -12.79 -1.64 8.91
N MET B 17 -12.39 -2.50 7.98
CA MET B 17 -12.87 -3.88 7.97
C MET B 17 -11.75 -4.83 8.37
N LEU B 18 -11.93 -5.58 9.45
CA LEU B 18 -10.89 -6.52 9.84
C LEU B 18 -11.25 -7.80 9.09
N PHE B 19 -10.36 -8.20 8.18
CA PHE B 19 -10.58 -9.38 7.35
C PHE B 19 -9.62 -10.50 7.72
N ARG B 20 -10.17 -11.68 7.94
CA ARG B 20 -9.37 -12.86 8.29
C ARG B 20 -8.79 -13.46 7.00
N LYS B 21 -7.51 -13.83 7.04
CA LYS B 21 -6.85 -14.43 5.87
C LYS B 21 -7.28 -15.87 5.63
N SER B 22 -7.41 -16.66 6.70
CA SER B 22 -7.77 -18.06 6.57
C SER B 22 -8.76 -18.56 7.61
N PRO B 23 -10.01 -18.80 7.20
CA PRO B 23 -10.46 -18.58 5.83
C PRO B 23 -10.68 -17.09 5.55
N GLN B 24 -10.79 -16.74 4.27
CA GLN B 24 -11.01 -15.35 3.85
C GLN B 24 -12.41 -14.92 4.24
N GLU B 25 -12.54 -14.11 5.29
CA GLU B 25 -13.85 -13.69 5.72
C GLU B 25 -13.82 -12.48 6.63
N LEU B 26 -14.93 -11.73 6.61
CA LEU B 26 -15.07 -10.57 7.47
C LEU B 26 -14.96 -11.05 8.91
N LEU B 27 -14.24 -10.30 9.72
CA LEU B 27 -14.07 -10.65 11.13
C LEU B 27 -14.78 -9.65 12.05
N CYS B 28 -14.53 -8.37 11.82
CA CYS B 28 -15.09 -7.32 12.65
C CYS B 28 -14.90 -5.96 12.01
N GLY B 29 -15.47 -4.96 12.65
CA GLY B 29 -15.33 -3.59 12.23
C GLY B 29 -14.18 -2.98 13.03
N ALA B 30 -13.85 -1.74 12.74
CA ALA B 30 -12.78 -1.04 13.45
C ALA B 30 -12.78 0.38 12.91
N SER B 31 -11.88 1.21 13.43
CA SER B 31 -11.85 2.58 12.95
C SER B 31 -10.45 3.14 12.90
N LEU B 32 -10.26 4.10 11.99
CA LEU B 32 -8.99 4.78 11.79
C LEU B 32 -8.93 6.03 12.67
N ILE B 33 -7.91 6.15 13.50
CA ILE B 33 -7.81 7.36 14.32
C ILE B 33 -6.60 8.21 13.97
N SER B 34 -5.71 7.67 13.14
CA SER B 34 -4.50 8.36 12.68
C SER B 34 -4.02 7.56 11.48
N ASP B 35 -2.87 7.89 10.91
CA ASP B 35 -2.42 7.13 9.75
C ASP B 35 -1.73 5.83 10.12
N ARG B 36 -1.59 5.56 11.42
CA ARG B 36 -0.95 4.31 11.82
C ARG B 36 -1.65 3.58 12.96
N TRP B 37 -2.71 4.17 13.51
CA TRP B 37 -3.43 3.50 14.59
C TRP B 37 -4.89 3.22 14.28
N VAL B 38 -5.30 2.00 14.61
CA VAL B 38 -6.67 1.54 14.39
C VAL B 38 -7.26 1.05 15.71
N LEU B 39 -8.51 1.41 15.95
CA LEU B 39 -9.20 1.04 17.18
C LEU B 39 -10.24 -0.03 16.84
N THR B 40 -10.44 -0.98 17.75
CA THR B 40 -11.42 -2.07 17.58
C THR B 40 -11.79 -2.64 18.95
N ALA B 41 -12.59 -3.71 18.95
CA ALA B 41 -12.99 -4.37 20.20
C ALA B 41 -12.05 -5.53 20.52
N ALA B 42 -11.66 -5.67 21.78
CA ALA B 42 -10.78 -6.75 22.18
C ALA B 42 -11.32 -8.15 21.82
N HIS B 43 -12.62 -8.41 22.05
CA HIS B 43 -13.16 -9.74 21.76
C HIS B 43 -13.09 -10.15 20.30
N CYS B 44 -12.81 -9.19 19.41
CA CYS B 44 -12.66 -9.46 17.99
C CYS B 44 -11.33 -10.15 17.74
N LEU B 45 -10.34 -9.75 18.52
CA LEU B 45 -9.00 -10.28 18.40
C LEU B 45 -8.73 -11.44 19.36
N LEU B 46 -9.34 -11.39 20.54
CA LEU B 46 -9.14 -12.43 21.55
C LEU B 46 -10.42 -12.88 22.24
N TYR B 47 -10.87 -14.07 21.90
CA TYR B 47 -12.07 -14.68 22.48
C TYR B 47 -12.15 -16.07 21.84
N PRO B 48 -11.31 -16.99 22.31
CA PRO B 48 -11.26 -18.36 21.80
C PRO B 48 -12.61 -19.06 21.55
N PRO B 49 -13.53 -19.03 22.54
CA PRO B 49 -14.85 -19.67 22.38
C PRO B 49 -15.61 -19.25 21.11
N TRP B 50 -15.26 -18.11 20.55
CA TRP B 50 -15.91 -17.64 19.33
C TRP B 50 -14.91 -17.69 18.19
N ASP B 51 -13.95 -18.61 18.29
CA ASP B 51 -12.91 -18.78 17.29
C ASP B 51 -12.10 -17.50 17.04
N LYS B 52 -11.69 -16.83 18.12
CA LYS B 52 -10.92 -15.59 18.00
C LYS B 52 -9.68 -15.63 18.88
N ASN B 53 -8.52 -15.77 18.25
CA ASN B 53 -7.23 -15.79 18.96
C ASN B 53 -6.22 -15.47 17.87
N PHE B 54 -6.30 -14.25 17.37
CA PHE B 54 -5.47 -13.80 16.27
C PHE B 54 -4.10 -13.22 16.56
N THR B 55 -3.15 -13.49 15.67
CA THR B 55 -1.82 -12.93 15.76
C THR B 55 -1.85 -11.87 14.65
N GLU B 56 -0.85 -11.01 14.61
CA GLU B 56 -0.79 -9.95 13.62
C GLU B 56 -0.88 -10.40 12.17
N ASN B 57 -0.28 -11.56 11.87
CA ASN B 57 -0.27 -12.08 10.51
C ASN B 57 -1.55 -12.77 10.08
N ASP B 58 -2.40 -13.10 11.05
CA ASP B 58 -3.66 -13.78 10.75
C ASP B 58 -4.67 -12.93 10.01
N LEU B 59 -4.50 -11.61 10.02
CA LEU B 59 -5.49 -10.78 9.36
C LEU B 59 -5.04 -9.57 8.58
N LEU B 60 -5.97 -9.01 7.82
CA LEU B 60 -5.71 -7.84 7.01
C LEU B 60 -6.64 -6.72 7.44
N VAL B 61 -6.10 -5.50 7.50
CA VAL B 61 -6.90 -4.33 7.86
C VAL B 61 -7.25 -3.70 6.52
N ARG B 62 -8.54 -3.59 6.23
CA ARG B 62 -8.96 -3.03 4.96
C ARG B 62 -9.66 -1.70 5.17
N ILE B 63 -9.09 -0.65 4.60
CA ILE B 63 -9.59 0.69 4.76
C ILE B 63 -10.11 1.34 3.50
N GLY B 64 -11.20 2.08 3.64
CA GLY B 64 -11.79 2.76 2.51
C GLY B 64 -12.75 1.88 1.74
N LYS B 65 -13.30 0.86 2.39
CA LYS B 65 -14.23 -0.04 1.71
C LYS B 65 -15.68 0.40 1.74
N HIS B 66 -16.43 -0.03 0.75
CA HIS B 66 -17.86 0.25 0.68
C HIS B 66 -18.53 -1.10 0.54
N SER B 67 -18.22 -1.77 -0.58
CA SER B 67 -18.77 -3.09 -0.85
C SER B 67 -18.27 -4.02 0.24
N ARG B 68 -19.07 -5.00 0.61
CA ARG B 68 -18.67 -5.95 1.62
C ARG B 68 -17.73 -7.02 1.08
N THR B 69 -18.01 -7.46 -0.14
CA THR B 69 -17.24 -8.53 -0.76
C THR B 69 -16.28 -8.16 -1.87
N ARG B 70 -16.60 -7.16 -2.67
CA ARG B 70 -15.73 -6.81 -3.78
C ARG B 70 -14.36 -6.24 -3.38
N TYR B 71 -13.31 -6.73 -4.00
CA TYR B 71 -11.98 -6.21 -3.73
C TYR B 71 -11.99 -4.92 -4.51
N GLU B 72 -12.21 -3.81 -3.82
CA GLU B 72 -12.32 -2.50 -4.45
C GLU B 72 -10.99 -1.80 -4.78
N ARG B 73 -10.26 -2.38 -5.72
CA ARG B 73 -8.97 -1.81 -6.14
C ARG B 73 -9.17 -0.37 -6.57
N ASN B 74 -8.16 0.45 -6.31
CA ASN B 74 -8.17 1.88 -6.62
C ASN B 74 -8.85 2.70 -5.54
N ILE B 75 -9.55 2.04 -4.63
CA ILE B 75 -10.21 2.77 -3.55
C ILE B 75 -9.70 2.26 -2.20
N GLU B 76 -9.99 1.02 -1.88
CA GLU B 76 -9.56 0.46 -0.61
C GLU B 76 -8.06 0.22 -0.56
N LYS B 77 -7.52 0.22 0.65
CA LYS B 77 -6.10 0.00 0.88
C LYS B 77 -5.96 -1.10 1.93
N ILE B 78 -5.03 -2.01 1.70
CA ILE B 78 -4.79 -3.08 2.65
C ILE B 78 -3.54 -2.77 3.44
N SER B 79 -3.68 -2.69 4.76
CA SER B 79 -2.56 -2.40 5.64
C SER B 79 -2.26 -3.67 6.43
N MET B 80 -1.01 -3.81 6.86
CA MET B 80 -0.60 -4.96 7.64
C MET B 80 -0.37 -4.51 9.07
N LEU B 81 -0.65 -5.40 10.01
CA LEU B 81 -0.49 -5.10 11.42
C LEU B 81 0.92 -5.33 11.90
N GLU B 82 1.42 -4.41 12.72
CA GLU B 82 2.75 -4.57 13.27
C GLU B 82 2.56 -5.20 14.65
N LYS B 83 1.56 -4.72 15.38
CA LYS B 83 1.30 -5.22 16.73
C LYS B 83 -0.11 -4.98 17.25
N ILE B 84 -0.65 -5.95 17.96
CA ILE B 84 -1.98 -5.81 18.53
C ILE B 84 -1.82 -5.50 20.01
N TYR B 85 -2.64 -4.58 20.52
CA TYR B 85 -2.62 -4.21 21.92
C TYR B 85 -4.00 -4.32 22.53
N ILE B 86 -4.20 -5.34 23.35
CA ILE B 86 -5.47 -5.55 24.00
C ILE B 86 -5.37 -4.92 25.40
N HIS B 87 -6.45 -4.30 25.87
CA HIS B 87 -6.44 -3.70 27.19
C HIS B 87 -6.03 -4.77 28.19
N PRO B 88 -5.10 -4.44 29.10
CA PRO B 88 -4.62 -5.40 30.10
C PRO B 88 -5.66 -5.92 31.08
N ARG B 89 -6.74 -5.17 31.29
CA ARG B 89 -7.76 -5.63 32.22
C ARG B 89 -8.95 -6.33 31.55
N TYR B 90 -8.80 -6.60 30.26
CA TYR B 90 -9.84 -7.30 29.52
C TYR B 90 -9.66 -8.78 29.80
N ASN B 91 -10.73 -9.44 30.25
CA ASN B 91 -10.65 -10.87 30.54
C ASN B 91 -11.86 -11.58 29.96
N TRP B 92 -11.67 -12.18 28.78
CA TRP B 92 -12.76 -12.89 28.12
C TRP B 92 -13.32 -14.02 28.95
N ARG B 93 -12.50 -14.59 29.82
CA ARG B 93 -12.95 -15.69 30.65
C ARG B 93 -14.02 -15.25 31.65
N GLU B 94 -14.24 -13.95 31.76
CA GLU B 94 -15.23 -13.46 32.71
C GLU B 94 -16.36 -12.61 32.12
N ASN B 95 -15.99 -11.53 31.44
CA ASN B 95 -16.97 -10.61 30.86
C ASN B 95 -16.37 -9.84 29.67
N LEU B 96 -17.14 -8.90 29.12
CA LEU B 96 -16.68 -8.09 28.01
C LEU B 96 -16.39 -6.66 28.48
N ASP B 97 -16.03 -6.54 29.75
CA ASP B 97 -15.71 -5.24 30.30
C ASP B 97 -14.38 -4.82 29.64
N ARG B 98 -14.21 -3.53 29.45
CA ARG B 98 -12.99 -3.04 28.82
C ARG B 98 -12.76 -3.76 27.50
N ASP B 99 -13.82 -3.87 26.71
CA ASP B 99 -13.74 -4.52 25.41
C ASP B 99 -13.10 -3.54 24.45
N ILE B 100 -11.78 -3.41 24.48
CA ILE B 100 -11.11 -2.47 23.59
C ILE B 100 -9.71 -2.92 23.19
N ALA B 101 -9.25 -2.55 22.01
CA ALA B 101 -7.93 -2.94 21.55
C ALA B 101 -7.39 -2.01 20.49
N LEU B 102 -6.07 -1.80 20.53
CA LEU B 102 -5.40 -0.94 19.57
C LEU B 102 -4.58 -1.77 18.59
N MET B 103 -4.55 -1.32 17.35
CA MET B 103 -3.78 -2.02 16.32
C MET B 103 -2.88 -1.01 15.61
N LYS B 104 -1.57 -1.21 15.70
CA LYS B 104 -0.61 -0.32 15.07
C LYS B 104 -0.27 -0.87 13.70
N LEU B 105 -0.37 -0.04 12.67
CA LEU B 105 -0.05 -0.48 11.31
C LEU B 105 1.44 -0.41 11.05
N LYS B 106 1.94 -1.33 10.21
CA LYS B 106 3.37 -1.36 9.87
C LYS B 106 3.79 -0.06 9.20
N LYS B 107 2.98 0.38 8.25
CA LYS B 107 3.26 1.59 7.51
C LYS B 107 2.06 2.52 7.56
N PRO B 108 2.31 3.83 7.60
CA PRO B 108 1.24 4.84 7.65
C PRO B 108 0.38 4.71 6.42
N VAL B 109 -0.92 4.94 6.57
CA VAL B 109 -1.81 4.84 5.44
C VAL B 109 -1.91 6.20 4.80
N ALA B 110 -2.25 6.20 3.52
CA ALA B 110 -2.40 7.42 2.76
C ALA B 110 -3.88 7.77 2.80
N PHE B 111 -4.18 8.99 3.21
CA PHE B 111 -5.58 9.42 3.27
C PHE B 111 -6.11 9.66 1.87
N SER B 112 -7.42 9.85 1.75
CA SER B 112 -8.03 10.08 0.45
C SER B 112 -9.49 10.43 0.69
N ASP B 113 -10.27 10.55 -0.38
CA ASP B 113 -11.69 10.86 -0.22
C ASP B 113 -12.43 9.76 0.55
N TYR B 114 -11.83 8.57 0.58
CA TYR B 114 -12.45 7.42 1.23
C TYR B 114 -11.78 6.97 2.51
N ILE B 115 -10.59 7.48 2.77
CA ILE B 115 -9.85 7.10 3.95
C ILE B 115 -9.47 8.35 4.71
N HIS B 116 -10.08 8.52 5.88
CA HIS B 116 -9.82 9.68 6.71
C HIS B 116 -10.12 9.29 8.15
N PRO B 117 -9.24 9.68 9.09
CA PRO B 117 -9.38 9.37 10.52
C PRO B 117 -10.52 10.09 11.26
N VAL B 118 -11.06 9.46 12.29
CA VAL B 118 -12.15 10.05 13.08
C VAL B 118 -11.54 10.68 14.32
N CYS B 119 -12.26 11.57 14.98
CA CYS B 119 -11.71 12.22 16.18
C CYS B 119 -12.08 11.44 17.44
N LEU B 120 -11.24 11.57 18.45
CA LEU B 120 -11.51 10.94 19.74
C LEU B 120 -11.92 12.10 20.62
N PRO B 121 -12.97 11.90 21.44
CA PRO B 121 -13.45 12.96 22.33
C PRO B 121 -12.55 13.44 23.45
N ASP B 122 -12.73 14.71 23.79
CA ASP B 122 -12.01 15.37 24.87
C ASP B 122 -13.00 15.32 26.03
N ARG B 123 -12.58 15.77 27.22
CA ARG B 123 -13.46 15.77 28.38
C ARG B 123 -14.79 16.47 28.10
N GLU B 124 -14.70 17.72 27.69
CA GLU B 124 -15.87 18.54 27.41
C GLU B 124 -16.81 17.91 26.36
N THR B 125 -16.26 17.50 25.22
CA THR B 125 -17.07 16.90 24.16
C THR B 125 -17.74 15.61 24.62
N ALA B 126 -17.05 14.82 25.43
CA ALA B 126 -17.60 13.57 25.92
C ALA B 126 -18.78 13.81 26.85
N ALA B 127 -18.59 14.67 27.85
CA ALA B 127 -19.66 14.96 28.80
C ALA B 127 -20.84 15.62 28.09
N SER B 128 -20.53 16.45 27.10
CA SER B 128 -21.54 17.18 26.35
C SER B 128 -22.38 16.39 25.35
N LEU B 129 -21.78 15.39 24.70
CA LEU B 129 -22.48 14.59 23.68
C LEU B 129 -23.06 13.27 24.15
N LEU B 130 -22.48 12.67 25.17
CA LEU B 130 -22.97 11.39 25.64
C LEU B 130 -24.11 11.59 26.65
N GLN B 131 -25.28 11.95 26.14
CA GLN B 131 -26.45 12.17 26.97
C GLN B 131 -27.66 11.48 26.35
N ALA B 132 -28.53 10.92 27.20
CA ALA B 132 -29.72 10.23 26.74
C ALA B 132 -30.47 11.01 25.67
N GLY B 133 -30.98 10.30 24.67
CA GLY B 133 -31.72 10.97 23.61
C GLY B 133 -30.83 11.40 22.47
N TYR B 134 -29.60 11.81 22.77
CA TYR B 134 -28.70 12.23 21.70
C TYR B 134 -28.37 11.03 20.84
N LYS B 135 -28.45 11.19 19.52
CA LYS B 135 -28.20 10.11 18.60
C LYS B 135 -26.80 10.06 18.03
N GLY B 136 -26.26 8.84 17.99
CA GLY B 136 -24.95 8.59 17.40
C GLY B 136 -25.22 7.71 16.18
N ARG B 137 -24.17 7.43 15.41
CA ARG B 137 -24.32 6.61 14.22
C ARG B 137 -23.40 5.40 14.27
N VAL B 138 -23.93 4.25 13.89
CA VAL B 138 -23.19 2.99 13.88
C VAL B 138 -23.13 2.44 12.46
N THR B 139 -21.99 1.86 12.11
CA THR B 139 -21.75 1.32 10.78
C THR B 139 -21.02 -0.02 10.83
N GLY B 140 -21.29 -0.86 9.83
CA GLY B 140 -20.65 -2.16 9.75
C GLY B 140 -21.17 -3.02 8.61
N TRP B 141 -20.51 -4.15 8.39
CA TRP B 141 -20.88 -5.10 7.35
C TRP B 141 -21.48 -6.38 7.94
N GLY B 142 -21.86 -6.33 9.22
CA GLY B 142 -22.44 -7.48 9.87
C GLY B 142 -23.83 -7.87 9.40
N ASN B 143 -24.39 -8.90 10.02
CA ASN B 143 -25.71 -9.44 9.68
C ASN B 143 -26.86 -8.43 9.69
N LEU B 144 -27.79 -8.65 8.77
CA LEU B 144 -28.95 -7.79 8.63
C LEU B 144 -30.02 -8.10 9.66
N LYS B 145 -29.88 -9.25 10.34
CA LYS B 145 -30.81 -9.64 11.37
C LYS B 145 -30.28 -10.76 12.25
N GLU B 146 -30.88 -10.91 13.44
CA GLU B 146 -30.46 -11.92 14.40
C GLU B 146 -30.38 -13.34 13.83
N THR B 147 -31.36 -13.70 13.00
CA THR B 147 -31.39 -15.02 12.37
C THR B 147 -32.78 -15.31 11.84
N GLY B 155 -27.95 -13.18 3.94
CA GLY B 155 -28.10 -12.69 5.34
C GLY B 155 -27.19 -11.51 5.63
N GLN B 156 -26.33 -11.17 4.66
CA GLN B 156 -25.41 -10.06 4.83
C GLN B 156 -25.67 -8.99 3.78
N PRO B 157 -25.19 -7.77 4.04
CA PRO B 157 -25.36 -6.66 3.10
C PRO B 157 -24.33 -6.70 1.99
N SER B 158 -24.63 -6.04 0.87
CA SER B 158 -23.68 -5.98 -0.22
C SER B 158 -22.73 -4.82 0.05
N VAL B 159 -23.25 -3.75 0.65
CA VAL B 159 -22.43 -2.59 0.99
C VAL B 159 -22.52 -2.21 2.46
N LEU B 160 -21.65 -1.31 2.89
CA LEU B 160 -21.60 -0.84 4.26
C LEU B 160 -22.97 -0.32 4.72
N GLN B 161 -23.37 -0.73 5.92
CA GLN B 161 -24.64 -0.30 6.47
C GLN B 161 -24.47 0.80 7.53
N VAL B 162 -25.47 1.65 7.65
CA VAL B 162 -25.44 2.74 8.60
C VAL B 162 -26.80 2.89 9.29
N VAL B 163 -26.79 3.25 10.57
CA VAL B 163 -28.03 3.48 11.32
C VAL B 163 -27.81 4.46 12.47
N ASN B 164 -28.74 5.39 12.67
CA ASN B 164 -28.61 6.35 13.75
C ASN B 164 -29.42 5.87 14.94
N LEU B 165 -28.78 5.81 16.10
CA LEU B 165 -29.44 5.32 17.30
C LEU B 165 -29.23 6.27 18.46
N PRO B 166 -30.26 6.43 19.30
CA PRO B 166 -30.20 7.30 20.46
C PRO B 166 -29.53 6.65 21.67
N ILE B 167 -28.76 7.46 22.40
CA ILE B 167 -28.09 7.02 23.62
C ILE B 167 -29.21 6.81 24.64
N VAL B 168 -29.06 5.79 25.47
CA VAL B 168 -30.07 5.47 26.48
C VAL B 168 -29.62 5.78 27.90
N GLU B 169 -30.56 6.20 28.75
CA GLU B 169 -30.20 6.51 30.13
C GLU B 169 -29.68 5.26 30.82
N ARG B 170 -28.57 5.40 31.53
CA ARG B 170 -27.95 4.29 32.23
C ARG B 170 -28.92 3.39 32.99
N PRO B 171 -29.70 3.94 33.93
CA PRO B 171 -30.64 3.08 34.66
C PRO B 171 -31.49 2.19 33.75
N VAL B 172 -32.00 2.76 32.66
CA VAL B 172 -32.81 2.00 31.73
C VAL B 172 -31.98 0.89 31.05
N CYS B 173 -30.69 1.15 30.81
CA CYS B 173 -29.83 0.13 30.22
C CYS B 173 -29.64 -0.98 31.24
N LYS B 174 -29.32 -0.58 32.47
CA LYS B 174 -29.11 -1.54 33.55
C LYS B 174 -30.30 -2.46 33.76
N ASP B 175 -31.51 -1.94 33.59
CA ASP B 175 -32.70 -2.78 33.78
C ASP B 175 -33.06 -3.66 32.59
N SER B 176 -32.61 -3.29 31.40
CA SER B 176 -32.92 -4.05 30.20
C SER B 176 -32.24 -5.41 30.13
N THR B 177 -31.23 -5.62 30.97
CA THR B 177 -30.55 -6.91 30.96
C THR B 177 -30.13 -7.38 32.34
N ARG B 178 -29.99 -8.70 32.48
CA ARG B 178 -29.59 -9.32 33.75
C ARG B 178 -28.08 -9.27 33.80
N ILE B 179 -27.47 -9.17 32.62
CA ILE B 179 -26.02 -9.15 32.48
C ILE B 179 -25.44 -7.93 33.16
N ARG B 180 -24.32 -8.12 33.85
CA ARG B 180 -23.68 -7.03 34.56
C ARG B 180 -23.14 -5.97 33.61
N ILE B 181 -23.42 -4.71 33.95
CA ILE B 181 -23.01 -3.56 33.16
C ILE B 181 -21.98 -2.75 33.95
N THR B 182 -21.00 -2.19 33.25
CA THR B 182 -19.97 -1.40 33.93
C THR B 182 -19.96 0.02 33.39
N ASP B 183 -19.07 0.84 33.93
CA ASP B 183 -18.95 2.23 33.49
C ASP B 183 -18.18 2.32 32.18
N ASN B 184 -17.55 1.22 31.76
CA ASN B 184 -16.79 1.23 30.53
C ASN B 184 -17.66 0.96 29.32
N MET B 185 -18.97 0.89 29.55
CA MET B 185 -19.93 0.66 28.49
C MET B 185 -21.13 1.59 28.61
N PHE B 186 -21.87 1.71 27.52
CA PHE B 186 -23.09 2.50 27.49
C PHE B 186 -23.94 1.82 26.45
N CYS B 187 -25.24 2.09 26.47
CA CYS B 187 -26.11 1.43 25.51
C CYS B 187 -26.92 2.42 24.72
N ALA B 188 -27.39 1.98 23.56
CA ALA B 188 -28.17 2.84 22.69
C ALA B 188 -29.22 2.02 21.95
N GLY B 189 -30.20 2.70 21.38
CA GLY B 189 -31.25 2.01 20.66
C GLY B 189 -32.60 2.62 20.99
N TYR B 190 -33.55 2.46 20.09
CA TYR B 190 -34.88 3.00 20.31
C TYR B 190 -35.66 2.14 21.28
N LYS B 191 -36.61 2.75 21.97
CA LYS B 191 -37.49 2.01 22.89
C LYS B 191 -38.64 1.67 21.94
N PRO B 192 -39.32 0.53 22.15
CA PRO B 192 -40.41 0.19 21.24
C PRO B 192 -41.48 1.27 20.97
N ASP B 193 -41.89 2.00 22.01
CA ASP B 193 -42.89 3.03 21.76
C ASP B 193 -42.37 4.22 20.96
N GLU B 194 -41.08 4.25 20.64
CA GLU B 194 -40.55 5.36 19.87
C GLU B 194 -40.82 5.17 18.37
N GLY B 195 -41.30 3.99 18.01
CA GLY B 195 -41.62 3.71 16.62
C GLY B 195 -40.51 3.53 15.60
N LYS B 196 -39.26 3.48 16.04
CA LYS B 196 -38.15 3.27 15.10
C LYS B 196 -37.30 2.11 15.59
N ARG B 197 -36.62 1.44 14.67
CA ARG B 197 -35.77 0.30 15.01
C ARG B 197 -34.32 0.52 14.58
N GLY B 198 -33.48 -0.47 14.81
CA GLY B 198 -32.09 -0.36 14.44
C GLY B 198 -31.17 -0.86 15.53
N ASP B 199 -30.08 -1.49 15.14
CA ASP B 199 -29.14 -2.04 16.10
C ASP B 199 -27.96 -2.63 15.34
N ALA B 200 -26.87 -2.88 16.05
CA ALA B 200 -25.69 -3.50 15.46
C ALA B 200 -25.92 -4.99 15.68
N CYS B 201 -25.21 -5.83 14.94
CA CYS B 201 -25.35 -7.27 15.08
C CYS B 201 -24.02 -7.97 14.83
N GLU B 202 -24.03 -9.30 14.87
CA GLU B 202 -22.82 -10.07 14.66
C GLU B 202 -22.11 -9.61 13.39
N GLY B 203 -20.81 -9.36 13.50
CA GLY B 203 -20.05 -8.89 12.37
C GLY B 203 -19.74 -7.41 12.51
N ASP B 204 -20.55 -6.69 13.30
CA ASP B 204 -20.34 -5.25 13.48
C ASP B 204 -19.38 -4.88 14.60
N ALA B 205 -19.13 -5.81 15.52
CA ALA B 205 -18.24 -5.55 16.63
C ALA B 205 -16.95 -4.86 16.17
N GLY B 206 -16.40 -4.00 17.02
CA GLY B 206 -15.19 -3.29 16.70
C GLY B 206 -15.48 -2.00 15.96
N GLY B 207 -16.64 -1.96 15.30
CA GLY B 207 -17.02 -0.77 14.56
C GLY B 207 -17.22 0.43 15.48
N PRO B 208 -17.21 1.64 14.91
CA PRO B 208 -17.39 2.85 15.71
C PRO B 208 -18.80 3.37 15.86
N PHE B 209 -19.07 3.96 17.03
CA PHE B 209 -20.33 4.61 17.32
C PHE B 209 -19.86 6.07 17.33
N VAL B 210 -20.22 6.79 16.28
CA VAL B 210 -19.79 8.17 16.13
C VAL B 210 -20.89 9.20 16.33
N MET B 211 -20.48 10.42 16.66
CA MET B 211 -21.40 11.52 16.85
C MET B 211 -20.82 12.78 16.24
N LYS B 212 -21.66 13.59 15.62
CA LYS B 212 -21.19 14.83 15.05
C LYS B 212 -21.33 15.93 16.07
N SER B 213 -20.20 16.55 16.39
CA SER B 213 -20.17 17.63 17.36
C SER B 213 -20.87 18.86 16.80
N PRO B 214 -21.78 19.45 17.58
CA PRO B 214 -22.49 20.63 17.12
C PRO B 214 -21.61 21.85 17.36
N PHE B 215 -20.48 21.62 18.02
CA PHE B 215 -19.55 22.70 18.34
C PHE B 215 -18.51 22.98 17.28
N ASN B 216 -17.95 21.94 16.65
CA ASN B 216 -16.95 22.17 15.62
C ASN B 216 -17.22 21.43 14.34
N ASN B 217 -18.39 20.81 14.23
CA ASN B 217 -18.76 20.12 12.99
C ASN B 217 -17.93 18.85 12.70
N ARG B 218 -17.12 18.43 13.66
CA ARG B 218 -16.29 17.23 13.48
C ARG B 218 -16.96 15.97 14.03
N TRP B 219 -16.58 14.82 13.48
CA TRP B 219 -17.14 13.55 13.93
C TRP B 219 -16.26 12.93 14.99
N TYR B 220 -16.86 12.58 16.12
CA TYR B 220 -16.12 11.98 17.24
C TYR B 220 -16.55 10.53 17.48
N GLN B 221 -15.61 9.66 17.79
CA GLN B 221 -15.98 8.28 18.06
C GLN B 221 -16.24 8.15 19.57
N MET B 222 -17.50 8.01 19.95
CA MET B 222 -17.84 7.91 21.36
C MET B 222 -17.84 6.47 21.87
N GLY B 223 -18.07 5.53 20.97
CA GLY B 223 -18.08 4.13 21.37
C GLY B 223 -17.58 3.15 20.34
N ILE B 224 -17.59 1.87 20.73
CA ILE B 224 -17.14 0.77 19.89
C ILE B 224 -18.23 -0.29 20.03
N VAL B 225 -18.75 -0.77 18.90
CA VAL B 225 -19.77 -1.81 18.95
C VAL B 225 -19.18 -2.97 19.73
N SER B 226 -19.84 -3.36 20.81
CA SER B 226 -19.34 -4.46 21.64
C SER B 226 -20.26 -5.67 21.77
N TRP B 227 -21.41 -5.51 22.40
CA TRP B 227 -22.29 -6.68 22.57
C TRP B 227 -23.75 -6.35 22.75
N GLY B 228 -24.56 -7.40 22.77
CA GLY B 228 -25.99 -7.28 22.96
C GLY B 228 -26.55 -8.66 23.21
N GLU B 229 -27.87 -8.76 23.31
CA GLU B 229 -28.54 -10.03 23.49
C GLU B 229 -29.44 -10.12 22.27
N GLY B 230 -28.98 -10.87 21.28
CA GLY B 230 -29.73 -10.97 20.05
C GLY B 230 -29.51 -9.62 19.37
N CYS B 231 -30.32 -9.33 18.36
CA CYS B 231 -30.19 -8.07 17.66
C CYS B 231 -31.55 -7.45 17.42
N ASP B 232 -31.64 -6.15 17.65
CA ASP B 232 -32.87 -5.40 17.41
C ASP B 232 -34.11 -5.96 18.09
N ARG B 233 -33.95 -6.52 19.29
CA ARG B 233 -35.08 -7.06 20.01
C ARG B 233 -35.77 -5.94 20.79
N ASP B 234 -37.10 -5.98 20.85
CA ASP B 234 -37.84 -4.97 21.60
C ASP B 234 -37.44 -5.08 23.07
N GLY B 235 -37.29 -3.95 23.71
CA GLY B 235 -36.92 -3.96 25.11
C GLY B 235 -35.43 -4.07 25.37
N LYS B 236 -34.68 -4.55 24.37
CA LYS B 236 -33.23 -4.69 24.52
C LYS B 236 -32.46 -3.57 23.84
N TYR B 237 -31.20 -3.39 24.25
CA TYR B 237 -30.35 -2.34 23.69
C TYR B 237 -28.96 -2.86 23.38
N GLY B 238 -28.30 -2.22 22.42
CA GLY B 238 -26.96 -2.62 22.04
C GLY B 238 -25.98 -1.93 22.96
N PHE B 239 -24.89 -2.62 23.28
CA PHE B 239 -23.89 -2.06 24.18
C PHE B 239 -22.57 -1.73 23.50
N TYR B 240 -22.02 -0.59 23.88
CA TYR B 240 -20.79 -0.10 23.30
C TYR B 240 -19.73 0.26 24.33
N THR B 241 -18.48 0.06 23.96
CA THR B 241 -17.37 0.37 24.83
C THR B 241 -17.30 1.90 24.90
N HIS B 242 -17.18 2.41 26.12
CA HIS B 242 -17.10 3.85 26.37
C HIS B 242 -15.70 4.30 25.99
N VAL B 243 -15.54 4.82 24.78
CA VAL B 243 -14.22 5.23 24.35
C VAL B 243 -13.52 6.23 25.25
N PHE B 244 -14.20 7.31 25.61
CA PHE B 244 -13.57 8.30 26.46
C PHE B 244 -13.06 7.81 27.81
N ARG B 245 -13.77 6.89 28.46
CA ARG B 245 -13.33 6.41 29.75
C ARG B 245 -12.09 5.50 29.65
N LEU B 246 -11.64 5.24 28.43
CA LEU B 246 -10.48 4.39 28.24
C LEU B 246 -9.42 5.14 27.47
N LYS B 247 -9.65 6.44 27.31
CA LYS B 247 -8.73 7.29 26.56
C LYS B 247 -7.36 7.35 27.25
N LYS B 248 -7.35 7.15 28.56
CA LYS B 248 -6.12 7.15 29.33
C LYS B 248 -5.26 5.97 28.89
N TRP B 249 -5.88 4.81 28.75
CA TRP B 249 -5.17 3.61 28.34
C TRP B 249 -4.70 3.76 26.89
N ILE B 250 -5.53 4.40 26.07
CA ILE B 250 -5.21 4.61 24.67
C ILE B 250 -3.96 5.46 24.53
N GLN B 251 -3.81 6.43 25.42
CA GLN B 251 -2.67 7.32 25.40
C GLN B 251 -1.40 6.58 25.85
N LYS B 252 -1.53 5.72 26.85
CA LYS B 252 -0.38 4.98 27.37
C LYS B 252 0.22 4.13 26.27
N VAL B 253 -0.63 3.35 25.62
CA VAL B 253 -0.20 2.47 24.55
C VAL B 253 0.41 3.23 23.38
N ILE B 254 -0.20 4.33 22.99
CA ILE B 254 0.32 5.10 21.87
C ILE B 254 1.63 5.80 22.20
N ASP B 255 1.85 6.13 23.48
CA ASP B 255 3.08 6.79 23.89
C ASP B 255 4.26 5.81 23.92
N GLN B 256 4.03 4.65 24.50
CA GLN B 256 5.08 3.65 24.61
C GLN B 256 5.43 3.03 23.27
N PHE B 257 4.40 2.62 22.53
CA PHE B 257 4.59 1.96 21.26
C PHE B 257 4.31 2.80 20.02
N GLY B 258 4.02 4.08 20.21
CA GLY B 258 3.77 4.95 19.08
C GLY B 258 4.74 4.71 17.94
N GLU B 259 6.01 4.57 18.28
CA GLU B 259 7.03 4.30 17.28
C GLU B 259 7.91 3.17 17.82
N SER C 4 -17.58 -38.94 -30.72
CA SER C 4 -17.71 -38.43 -32.12
C SER C 4 -16.67 -37.33 -32.34
N GLU C 5 -16.43 -36.97 -33.60
CA GLU C 5 -15.46 -35.94 -33.96
C GLU C 5 -16.16 -34.61 -34.23
N TYR C 6 -15.69 -33.87 -35.23
CA TYR C 6 -16.31 -32.60 -35.60
C TYR C 6 -15.92 -32.25 -37.02
N GLN C 7 -16.91 -32.03 -37.87
CA GLN C 7 -16.65 -31.67 -39.26
C GLN C 7 -16.75 -30.15 -39.41
N THR C 8 -15.70 -29.53 -39.93
CA THR C 8 -15.73 -28.10 -40.12
C THR C 8 -16.75 -27.77 -41.21
N PHE C 9 -17.25 -26.54 -41.20
CA PHE C 9 -18.27 -26.11 -42.15
C PHE C 9 -17.83 -24.86 -42.92
N PHE C 10 -16.96 -24.07 -42.30
CA PHE C 10 -16.49 -22.84 -42.93
C PHE C 10 -15.11 -22.95 -43.55
N ASN C 11 -14.75 -21.96 -44.35
CA ASN C 11 -13.46 -21.92 -45.01
C ASN C 11 -12.56 -21.02 -44.18
N PRO C 12 -11.59 -21.58 -43.46
CA PRO C 12 -10.68 -20.80 -42.62
C PRO C 12 -10.06 -19.56 -43.28
N ARG C 13 -10.13 -19.51 -44.61
CA ARG C 13 -9.58 -18.37 -45.35
C ARG C 13 -10.40 -17.11 -45.07
N THR C 14 -11.71 -17.27 -44.95
CA THR C 14 -12.61 -16.14 -44.67
C THR C 14 -13.18 -16.17 -43.26
N PHE C 15 -13.25 -17.37 -42.69
CA PHE C 15 -13.79 -17.55 -41.34
C PHE C 15 -12.73 -17.27 -40.29
N GLY C 16 -11.48 -17.46 -40.65
CA GLY C 16 -10.40 -17.29 -39.71
C GLY C 16 -10.14 -18.65 -39.09
N SER C 17 -9.25 -18.72 -38.11
CA SER C 17 -8.98 -19.99 -37.49
C SER C 17 -9.88 -20.20 -36.28
N GLY C 18 -9.93 -21.44 -35.81
CA GLY C 18 -10.71 -21.76 -34.63
C GLY C 18 -11.83 -22.76 -34.74
N GLU C 19 -12.44 -22.89 -35.91
CA GLU C 19 -13.56 -23.80 -36.03
C GLU C 19 -13.32 -25.27 -35.65
N ALA C 20 -12.22 -25.85 -36.11
CA ALA C 20 -11.92 -27.25 -35.83
C ALA C 20 -11.83 -27.62 -34.36
N ASP C 21 -11.42 -26.68 -33.53
CA ASP C 21 -11.29 -26.94 -32.10
C ASP C 21 -12.35 -26.19 -31.28
N CYS C 22 -13.43 -25.79 -31.95
CA CYS C 22 -14.52 -25.06 -31.30
C CYS C 22 -15.26 -25.86 -30.23
N GLY C 23 -15.88 -25.15 -29.29
CA GLY C 23 -16.67 -25.80 -28.27
C GLY C 23 -15.99 -26.55 -27.17
N LEU C 24 -14.66 -26.65 -27.19
CA LEU C 24 -13.93 -27.36 -26.15
C LEU C 24 -13.21 -26.31 -25.31
N ARG C 25 -13.63 -26.17 -24.06
CA ARG C 25 -13.05 -25.16 -23.16
C ARG C 25 -11.71 -25.58 -22.57
N PRO C 26 -10.70 -24.69 -22.67
CA PRO C 26 -9.37 -24.99 -22.14
C PRO C 26 -9.38 -25.35 -20.66
N LEU C 27 -10.19 -24.64 -19.88
CA LEU C 27 -10.25 -24.91 -18.44
C LEU C 27 -11.19 -26.04 -18.04
N PHE C 28 -11.82 -26.67 -19.03
CA PHE C 28 -12.75 -27.76 -18.73
C PHE C 28 -12.55 -29.00 -19.60
N GLU C 29 -13.17 -29.05 -20.77
CA GLU C 29 -13.02 -30.22 -21.64
C GLU C 29 -11.56 -30.61 -21.88
N LYS C 30 -10.71 -29.61 -22.14
CA LYS C 30 -9.30 -29.85 -22.40
C LYS C 30 -8.53 -30.38 -21.20
N LYS C 31 -9.09 -30.22 -20.01
CA LYS C 31 -8.45 -30.68 -18.79
C LYS C 31 -9.27 -31.74 -18.07
N SER C 32 -10.23 -32.34 -18.77
CA SER C 32 -11.08 -33.35 -18.18
C SER C 32 -11.76 -32.88 -16.89
N LEU C 33 -12.23 -31.64 -16.89
CA LEU C 33 -12.92 -31.09 -15.73
C LEU C 33 -14.31 -30.65 -16.16
N GLU C 34 -15.29 -30.87 -15.32
CA GLU C 34 -16.66 -30.47 -15.63
C GLU C 34 -17.03 -29.29 -14.77
N ASP C 35 -17.86 -28.39 -15.27
CA ASP C 35 -18.26 -27.26 -14.44
C ASP C 35 -19.38 -27.71 -13.52
N LYS C 36 -19.81 -26.83 -12.63
CA LYS C 36 -20.82 -27.11 -11.63
C LYS C 36 -22.20 -27.58 -12.08
N THR C 37 -22.71 -27.05 -13.19
CA THR C 37 -24.06 -27.41 -13.64
C THR C 37 -24.15 -28.09 -14.99
N GLU C 38 -23.01 -28.46 -15.53
CA GLU C 38 -22.93 -29.11 -16.82
C GLU C 38 -23.76 -30.39 -16.85
N ARG C 39 -23.65 -31.20 -15.80
CA ARG C 39 -24.36 -32.46 -15.74
C ARG C 39 -25.87 -32.28 -15.80
N GLU C 40 -26.34 -31.12 -15.34
CA GLU C 40 -27.76 -30.82 -15.35
C GLU C 40 -28.23 -30.79 -16.81
N LEU C 41 -27.38 -30.25 -17.68
CA LEU C 41 -27.71 -30.14 -19.09
C LEU C 41 -27.84 -31.50 -19.76
N LEU C 42 -26.89 -32.39 -19.48
CA LEU C 42 -26.90 -33.72 -20.07
C LEU C 42 -28.08 -34.56 -19.58
N GLU C 43 -28.45 -34.41 -18.32
CA GLU C 43 -29.58 -35.16 -17.78
C GLU C 43 -30.87 -34.77 -18.49
N SER C 44 -30.94 -33.52 -18.95
CA SER C 44 -32.13 -33.02 -19.63
C SER C 44 -32.35 -33.63 -21.01
N TYR C 45 -31.44 -34.47 -21.47
CA TYR C 45 -31.65 -35.09 -22.77
C TYR C 45 -32.46 -36.37 -22.63
N ILE C 46 -32.86 -36.70 -21.40
CA ILE C 46 -33.63 -37.91 -21.14
C ILE C 46 -34.97 -37.86 -21.89
N ASP C 47 -35.26 -38.93 -22.62
CA ASP C 47 -36.51 -39.01 -23.36
C ASP C 47 -37.42 -40.07 -22.76
N GLY C 48 -38.34 -39.63 -21.91
CA GLY C 48 -39.29 -40.56 -21.34
C GLY C 48 -40.06 -41.11 -22.52
N ARG C 49 -40.51 -42.35 -22.44
CA ARG C 49 -41.23 -42.91 -23.56
C ARG C 49 -42.73 -42.93 -23.34
N ILE D 1 -29.06 -11.49 -16.31
CA ILE D 1 -29.52 -12.86 -15.91
C ILE D 1 -30.24 -12.84 -14.58
N VAL D 2 -31.50 -13.25 -14.56
CA VAL D 2 -32.26 -13.27 -13.34
C VAL D 2 -32.28 -14.67 -12.74
N GLU D 3 -32.09 -14.76 -11.44
CA GLU D 3 -32.12 -16.04 -10.76
C GLU D 3 -31.04 -16.99 -11.23
N GLY D 4 -29.89 -16.44 -11.59
CA GLY D 4 -28.80 -17.27 -12.07
C GLY D 4 -27.75 -17.38 -11.00
N SER D 5 -26.54 -17.74 -11.38
CA SER D 5 -25.45 -17.87 -10.43
C SER D 5 -24.17 -17.41 -11.10
N ASP D 6 -23.12 -17.21 -10.29
CA ASP D 6 -21.85 -16.77 -10.81
C ASP D 6 -21.21 -17.85 -11.66
N ALA D 7 -20.77 -17.48 -12.85
CA ALA D 7 -20.12 -18.42 -13.72
C ALA D 7 -18.73 -18.68 -13.14
N GLU D 8 -18.14 -19.80 -13.52
CA GLU D 8 -16.81 -20.15 -13.06
C GLU D 8 -15.86 -19.49 -14.04
N ILE D 9 -14.59 -19.36 -13.67
CA ILE D 9 -13.59 -18.77 -14.57
C ILE D 9 -13.45 -19.63 -15.82
N GLY D 10 -13.45 -18.99 -16.97
CA GLY D 10 -13.29 -19.73 -18.23
C GLY D 10 -14.47 -20.61 -18.61
N MET D 11 -15.58 -20.48 -17.89
CA MET D 11 -16.77 -21.30 -18.16
C MET D 11 -17.40 -21.02 -19.53
N SER D 12 -17.29 -19.78 -20.01
CA SER D 12 -17.81 -19.36 -21.31
C SER D 12 -16.71 -18.55 -22.00
N PRO D 13 -15.67 -19.22 -22.51
CA PRO D 13 -14.56 -18.55 -23.19
C PRO D 13 -14.97 -17.75 -24.42
N TRP D 14 -16.17 -18.01 -24.92
CA TRP D 14 -16.69 -17.35 -26.11
C TRP D 14 -17.59 -16.17 -25.82
N GLN D 15 -17.86 -15.95 -24.53
CA GLN D 15 -18.72 -14.86 -24.09
C GLN D 15 -18.03 -13.56 -24.41
N VAL D 16 -18.73 -12.67 -25.08
CA VAL D 16 -18.15 -11.39 -25.43
C VAL D 16 -18.98 -10.26 -24.87
N MET D 17 -18.31 -9.18 -24.50
CA MET D 17 -19.02 -8.02 -23.99
C MET D 17 -18.88 -6.89 -24.98
N LEU D 18 -20.02 -6.34 -25.41
CA LEU D 18 -20.02 -5.18 -26.31
C LEU D 18 -20.11 -4.02 -25.33
N PHE D 19 -19.07 -3.20 -25.31
CA PHE D 19 -18.98 -2.07 -24.39
C PHE D 19 -19.09 -0.73 -25.13
N ARG D 20 -20.06 0.09 -24.70
CA ARG D 20 -20.27 1.40 -25.31
C ARG D 20 -19.16 2.33 -24.82
N LYS D 21 -18.60 3.13 -25.73
CA LYS D 21 -17.54 4.07 -25.37
C LYS D 21 -18.06 5.29 -24.61
N SER D 22 -19.15 5.86 -25.12
CA SER D 22 -19.75 7.05 -24.53
C SER D 22 -21.27 6.91 -24.44
N PRO D 23 -21.78 6.70 -23.22
CA PRO D 23 -20.93 6.61 -22.03
C PRO D 23 -20.34 5.21 -21.81
N GLN D 24 -19.23 5.16 -21.09
CA GLN D 24 -18.55 3.90 -20.79
C GLN D 24 -19.50 2.96 -20.09
N GLU D 25 -20.11 2.04 -20.83
CA GLU D 25 -21.06 1.11 -20.23
C GLU D 25 -21.32 -0.16 -21.03
N LEU D 26 -21.86 -1.15 -20.35
CA LEU D 26 -22.20 -2.42 -20.98
C LEU D 26 -23.29 -2.15 -21.98
N LEU D 27 -23.17 -2.71 -23.17
CA LEU D 27 -24.18 -2.53 -24.18
C LEU D 27 -24.96 -3.83 -24.41
N CYS D 28 -24.23 -4.93 -24.56
CA CYS D 28 -24.84 -6.23 -24.82
C CYS D 28 -23.81 -7.33 -24.74
N GLY D 29 -24.30 -8.55 -24.90
CA GLY D 29 -23.41 -9.69 -24.90
C GLY D 29 -23.18 -10.07 -26.36
N ALA D 30 -22.31 -11.04 -26.57
CA ALA D 30 -22.04 -11.51 -27.92
C ALA D 30 -21.24 -12.79 -27.74
N SER D 31 -20.89 -13.44 -28.84
CA SER D 31 -20.12 -14.66 -28.76
C SER D 31 -19.04 -14.73 -29.85
N LEU D 32 -17.93 -15.39 -29.53
CA LEU D 32 -16.81 -15.57 -30.45
C LEU D 32 -17.03 -16.87 -31.19
N ILE D 33 -17.06 -16.81 -32.52
CA ILE D 33 -17.25 -18.04 -33.30
C ILE D 33 -15.98 -18.42 -34.06
N SER D 34 -15.03 -17.49 -34.15
CA SER D 34 -13.75 -17.71 -34.80
C SER D 34 -12.81 -16.68 -34.21
N ASP D 35 -11.58 -16.56 -34.73
CA ASP D 35 -10.67 -15.57 -34.18
C ASP D 35 -10.98 -14.15 -34.65
N ARG D 36 -11.86 -14.02 -35.63
CA ARG D 36 -12.19 -12.69 -36.12
C ARG D 36 -13.66 -12.40 -36.36
N TRP D 37 -14.53 -13.37 -36.08
CA TRP D 37 -15.97 -13.16 -36.24
C TRP D 37 -16.71 -13.26 -34.92
N VAL D 38 -17.56 -12.28 -34.66
CA VAL D 38 -18.35 -12.24 -33.43
C VAL D 38 -19.82 -12.18 -33.80
N LEU D 39 -20.63 -12.96 -33.09
CA LEU D 39 -22.07 -13.00 -33.32
C LEU D 39 -22.81 -12.25 -32.21
N THR D 40 -23.87 -11.51 -32.57
CA THR D 40 -24.67 -10.77 -31.58
C THR D 40 -26.10 -10.52 -32.10
N ALA D 41 -26.89 -9.79 -31.31
CA ALA D 41 -28.26 -9.49 -31.72
C ALA D 41 -28.28 -8.17 -32.47
N ALA D 42 -29.07 -8.09 -33.53
CA ALA D 42 -29.17 -6.87 -34.33
C ALA D 42 -29.71 -5.66 -33.56
N HIS D 43 -30.62 -5.86 -32.63
CA HIS D 43 -31.17 -4.70 -31.91
C HIS D 43 -30.19 -4.07 -30.94
N CYS D 44 -29.04 -4.71 -30.75
CA CYS D 44 -28.02 -4.18 -29.86
C CYS D 44 -27.25 -3.11 -30.61
N LEU D 45 -27.15 -3.28 -31.91
CA LEU D 45 -26.41 -2.35 -32.75
C LEU D 45 -27.36 -1.35 -33.39
N LEU D 46 -28.56 -1.80 -33.75
CA LEU D 46 -29.52 -0.93 -34.41
C LEU D 46 -30.94 -0.99 -33.86
N TYR D 47 -31.32 0.09 -33.18
CA TYR D 47 -32.65 0.24 -32.61
C TYR D 47 -32.62 1.63 -31.96
N PRO D 48 -32.73 2.68 -32.78
CA PRO D 48 -32.72 4.06 -32.27
C PRO D 48 -33.58 4.33 -31.04
N PRO D 49 -34.83 3.84 -31.02
CA PRO D 49 -35.70 4.07 -29.86
C PRO D 49 -35.05 3.70 -28.53
N TRP D 50 -34.13 2.74 -28.56
CA TRP D 50 -33.46 2.32 -27.35
C TRP D 50 -32.06 2.89 -27.26
N ASP D 51 -31.87 4.03 -27.92
CA ASP D 51 -30.57 4.71 -27.92
C ASP D 51 -29.51 3.76 -28.47
N LYS D 52 -29.88 2.99 -29.49
CA LYS D 52 -28.95 2.06 -30.12
C LYS D 52 -28.90 2.29 -31.62
N ASN D 53 -27.80 2.92 -32.04
CA ASN D 53 -27.54 3.24 -33.44
C ASN D 53 -26.03 3.45 -33.50
N PHE D 54 -25.28 2.35 -33.53
CA PHE D 54 -23.83 2.43 -33.52
C PHE D 54 -23.09 2.20 -34.82
N THR D 55 -21.90 2.80 -34.90
CA THR D 55 -21.04 2.61 -36.04
C THR D 55 -19.89 1.83 -35.42
N GLU D 56 -19.04 1.25 -36.25
CA GLU D 56 -17.92 0.47 -35.75
C GLU D 56 -17.05 1.13 -34.66
N ASN D 57 -16.84 2.43 -34.74
CA ASN D 57 -16.00 3.13 -33.75
C ASN D 57 -16.70 3.48 -32.45
N ASP D 58 -18.02 3.33 -32.42
CA ASP D 58 -18.78 3.67 -31.21
C ASP D 58 -18.55 2.74 -30.03
N LEU D 59 -18.19 1.48 -30.28
CA LEU D 59 -17.97 0.54 -29.19
C LEU D 59 -16.70 -0.29 -29.25
N LEU D 60 -16.48 -1.02 -28.17
CA LEU D 60 -15.32 -1.88 -28.05
C LEU D 60 -15.79 -3.30 -27.77
N VAL D 61 -15.12 -4.27 -28.38
CA VAL D 61 -15.46 -5.66 -28.17
C VAL D 61 -14.46 -6.17 -27.14
N ARG D 62 -14.94 -6.55 -25.98
CA ARG D 62 -14.08 -7.03 -24.91
C ARG D 62 -14.27 -8.54 -24.73
N ILE D 63 -13.19 -9.28 -24.95
CA ILE D 63 -13.22 -10.73 -24.89
C ILE D 63 -12.42 -11.34 -23.74
N GLY D 64 -12.96 -12.40 -23.15
CA GLY D 64 -12.28 -13.08 -22.06
C GLY D 64 -12.54 -12.47 -20.70
N LYS D 65 -13.63 -11.71 -20.60
CA LYS D 65 -13.96 -11.07 -19.34
C LYS D 65 -14.71 -11.99 -18.39
N HIS D 66 -14.60 -11.65 -17.11
CA HIS D 66 -15.31 -12.38 -16.07
C HIS D 66 -16.01 -11.28 -15.28
N SER D 67 -15.21 -10.37 -14.74
CA SER D 67 -15.77 -9.26 -13.98
C SER D 67 -16.52 -8.35 -14.92
N ARG D 68 -17.56 -7.71 -14.41
CA ARG D 68 -18.37 -6.81 -15.23
C ARG D 68 -17.78 -5.43 -15.39
N THR D 69 -17.23 -4.89 -14.32
CA THR D 69 -16.69 -3.54 -14.32
C THR D 69 -15.17 -3.40 -14.35
N ARG D 70 -14.49 -4.40 -13.81
CA ARG D 70 -13.04 -4.36 -13.75
C ARG D 70 -12.36 -4.50 -15.10
N TYR D 71 -11.36 -3.65 -15.34
CA TYR D 71 -10.62 -3.74 -16.59
C TYR D 71 -9.62 -4.83 -16.25
N GLU D 72 -9.90 -6.04 -16.72
CA GLU D 72 -9.03 -7.17 -16.42
C GLU D 72 -7.79 -7.26 -17.32
N ARG D 73 -6.88 -6.31 -17.08
CA ARG D 73 -5.62 -6.19 -17.80
C ARG D 73 -4.98 -7.56 -18.08
N ASN D 74 -4.72 -7.81 -19.37
CA ASN D 74 -4.14 -9.08 -19.83
C ASN D 74 -4.80 -10.24 -19.10
N ILE D 75 -5.87 -10.69 -19.73
CA ILE D 75 -6.75 -11.77 -19.33
C ILE D 75 -7.81 -11.46 -20.40
N GLU D 76 -8.36 -10.24 -20.36
CA GLU D 76 -9.34 -9.83 -21.35
C GLU D 76 -8.59 -9.20 -22.51
N LYS D 77 -9.27 -9.06 -23.65
CA LYS D 77 -8.63 -8.47 -24.81
C LYS D 77 -9.59 -7.54 -25.52
N ILE D 78 -9.13 -6.33 -25.80
CA ILE D 78 -9.98 -5.37 -26.48
C ILE D 78 -9.76 -5.45 -27.99
N SER D 79 -10.85 -5.55 -28.72
CA SER D 79 -10.78 -5.65 -30.17
C SER D 79 -11.58 -4.53 -30.81
N MET D 80 -11.09 -4.02 -31.95
CA MET D 80 -11.79 -2.97 -32.66
C MET D 80 -12.63 -3.63 -33.74
N LEU D 81 -13.72 -2.99 -34.12
CA LEU D 81 -14.58 -3.53 -35.16
C LEU D 81 -14.18 -3.00 -36.53
N GLU D 82 -14.12 -3.89 -37.51
CA GLU D 82 -13.81 -3.45 -38.85
C GLU D 82 -15.12 -3.16 -39.55
N LYS D 83 -16.11 -4.02 -39.36
CA LYS D 83 -17.40 -3.84 -40.02
C LYS D 83 -18.56 -4.61 -39.35
N ILE D 84 -19.68 -3.93 -39.17
CA ILE D 84 -20.88 -4.54 -38.58
C ILE D 84 -21.77 -5.00 -39.72
N TYR D 85 -22.36 -6.19 -39.59
CA TYR D 85 -23.25 -6.73 -40.62
C TYR D 85 -24.61 -7.09 -40.02
N ILE D 86 -25.62 -6.28 -40.32
CA ILE D 86 -26.96 -6.54 -39.81
C ILE D 86 -27.77 -7.31 -40.84
N HIS D 87 -28.50 -8.33 -40.39
CA HIS D 87 -29.30 -9.12 -41.32
C HIS D 87 -30.15 -8.16 -42.13
N PRO D 88 -30.13 -8.33 -43.46
CA PRO D 88 -30.91 -7.48 -44.38
C PRO D 88 -32.41 -7.49 -44.14
N ARG D 89 -32.96 -8.62 -43.71
CA ARG D 89 -34.39 -8.67 -43.46
C ARG D 89 -34.80 -8.27 -42.04
N TYR D 90 -33.92 -7.55 -41.34
CA TYR D 90 -34.19 -7.09 -39.99
C TYR D 90 -34.65 -5.64 -40.05
N ASN D 91 -35.77 -5.33 -39.41
CA ASN D 91 -36.27 -3.96 -39.38
C ASN D 91 -36.85 -3.69 -38.02
N TRP D 92 -36.20 -2.80 -37.28
CA TRP D 92 -36.67 -2.45 -35.94
C TRP D 92 -38.02 -1.75 -35.95
N ARG D 93 -38.30 -1.00 -37.01
CA ARG D 93 -39.56 -0.28 -37.12
C ARG D 93 -40.78 -1.21 -37.10
N GLU D 94 -40.57 -2.47 -37.45
CA GLU D 94 -41.66 -3.45 -37.45
C GLU D 94 -41.60 -4.36 -36.22
N ASN D 95 -40.62 -5.26 -36.20
CA ASN D 95 -40.45 -6.19 -35.09
C ASN D 95 -39.00 -6.63 -34.90
N LEU D 96 -38.80 -7.59 -33.99
CA LEU D 96 -37.47 -8.10 -33.67
C LEU D 96 -37.15 -9.43 -34.35
N ASP D 97 -37.79 -9.67 -35.49
CA ASP D 97 -37.56 -10.90 -36.24
C ASP D 97 -36.17 -10.83 -36.85
N ARG D 98 -35.54 -11.99 -37.04
CA ARG D 98 -34.20 -12.05 -37.59
C ARG D 98 -33.26 -11.12 -36.86
N ASP D 99 -33.36 -11.13 -35.54
CA ASP D 99 -32.54 -10.30 -34.66
C ASP D 99 -31.14 -10.91 -34.58
N ILE D 100 -30.33 -10.65 -35.61
CA ILE D 100 -29.01 -11.22 -35.66
C ILE D 100 -28.06 -10.28 -36.40
N ALA D 101 -26.80 -10.31 -36.02
CA ALA D 101 -25.81 -9.47 -36.67
C ALA D 101 -24.42 -10.05 -36.50
N LEU D 102 -23.55 -9.79 -37.47
CA LEU D 102 -22.19 -10.25 -37.43
C LEU D 102 -21.24 -9.08 -37.32
N MET D 103 -20.15 -9.28 -36.56
CA MET D 103 -19.15 -8.25 -36.41
C MET D 103 -17.81 -8.87 -36.75
N LYS D 104 -17.12 -8.29 -37.73
CA LYS D 104 -15.81 -8.78 -38.11
C LYS D 104 -14.81 -7.92 -37.35
N LEU D 105 -13.78 -8.55 -36.80
CA LEU D 105 -12.77 -7.81 -36.05
C LEU D 105 -11.65 -7.32 -36.97
N LYS D 106 -11.10 -6.15 -36.68
CA LYS D 106 -10.01 -5.63 -37.51
C LYS D 106 -8.88 -6.63 -37.60
N LYS D 107 -8.47 -7.16 -36.45
CA LYS D 107 -7.39 -8.14 -36.41
C LYS D 107 -7.81 -9.38 -35.62
N PRO D 108 -7.36 -10.56 -36.03
CA PRO D 108 -7.73 -11.79 -35.31
C PRO D 108 -7.26 -11.76 -33.86
N VAL D 109 -8.10 -12.24 -32.95
CA VAL D 109 -7.77 -12.26 -31.53
C VAL D 109 -7.04 -13.57 -31.20
N ALA D 110 -6.11 -13.51 -30.26
CA ALA D 110 -5.36 -14.69 -29.85
C ALA D 110 -6.18 -15.48 -28.82
N PHE D 111 -6.25 -16.81 -28.99
CA PHE D 111 -6.99 -17.64 -28.05
C PHE D 111 -6.18 -17.90 -26.79
N SER D 112 -6.86 -18.34 -25.72
CA SER D 112 -6.20 -18.59 -24.45
C SER D 112 -7.12 -19.40 -23.55
N ASP D 113 -6.77 -19.54 -22.28
CA ASP D 113 -7.62 -20.27 -21.36
C ASP D 113 -8.98 -19.57 -21.18
N TYR D 114 -9.04 -18.28 -21.50
CA TYR D 114 -10.25 -17.48 -21.33
C TYR D 114 -10.92 -17.02 -22.63
N ILE D 115 -10.23 -17.18 -23.74
CA ILE D 115 -10.78 -16.77 -25.02
C ILE D 115 -10.76 -17.94 -25.97
N HIS D 116 -11.94 -18.48 -26.27
CA HIS D 116 -12.06 -19.64 -27.14
C HIS D 116 -13.41 -19.59 -27.85
N PRO D 117 -13.44 -19.93 -29.15
CA PRO D 117 -14.69 -19.90 -29.89
C PRO D 117 -15.67 -21.04 -29.61
N VAL D 118 -16.95 -20.75 -29.79
CA VAL D 118 -17.99 -21.75 -29.57
C VAL D 118 -18.31 -22.32 -30.95
N CYS D 119 -19.01 -23.45 -31.01
CA CYS D 119 -19.35 -24.03 -32.30
C CYS D 119 -20.74 -23.62 -32.76
N LEU D 120 -20.95 -23.64 -34.07
CA LEU D 120 -22.25 -23.33 -34.64
C LEU D 120 -22.82 -24.67 -35.09
N PRO D 121 -24.08 -24.95 -34.74
CA PRO D 121 -24.74 -26.20 -35.10
C PRO D 121 -24.87 -26.52 -36.57
N ASP D 122 -24.78 -27.83 -36.85
CA ASP D 122 -24.92 -28.36 -38.19
C ASP D 122 -26.37 -28.86 -38.23
N ARG D 123 -26.88 -29.20 -39.39
CA ARG D 123 -28.26 -29.68 -39.53
C ARG D 123 -28.67 -30.70 -38.46
N GLU D 124 -27.91 -31.78 -38.34
CA GLU D 124 -28.19 -32.83 -37.38
C GLU D 124 -28.19 -32.36 -35.91
N THR D 125 -27.10 -31.74 -35.48
CA THR D 125 -26.99 -31.26 -34.12
C THR D 125 -28.16 -30.36 -33.78
N ALA D 126 -28.54 -29.52 -34.73
CA ALA D 126 -29.66 -28.60 -34.53
C ALA D 126 -30.98 -29.36 -34.35
N ALA D 127 -31.28 -30.27 -35.26
CA ALA D 127 -32.53 -31.03 -35.16
C ALA D 127 -32.54 -31.96 -33.95
N SER D 128 -31.35 -32.39 -33.55
CA SER D 128 -31.20 -33.32 -32.43
C SER D 128 -31.18 -32.68 -31.04
N LEU D 129 -30.67 -31.47 -30.94
CA LEU D 129 -30.57 -30.78 -29.65
C LEU D 129 -31.69 -29.78 -29.33
N LEU D 130 -32.22 -29.13 -30.36
CA LEU D 130 -33.26 -28.14 -30.14
C LEU D 130 -34.64 -28.79 -30.01
N GLN D 131 -34.91 -29.38 -28.85
CA GLN D 131 -36.19 -30.02 -28.60
C GLN D 131 -36.68 -29.63 -27.22
N ALA D 132 -38.00 -29.55 -27.08
CA ALA D 132 -38.62 -29.17 -25.82
C ALA D 132 -38.08 -29.97 -24.64
N GLY D 133 -37.80 -29.29 -23.54
CA GLY D 133 -37.30 -29.96 -22.35
C GLY D 133 -35.80 -29.98 -22.23
N TYR D 134 -35.11 -30.08 -23.36
CA TYR D 134 -33.65 -30.10 -23.37
C TYR D 134 -33.22 -28.75 -22.86
N LYS D 135 -32.20 -28.72 -22.00
CA LYS D 135 -31.76 -27.45 -21.44
C LYS D 135 -30.55 -26.87 -22.14
N GLY D 136 -30.55 -25.55 -22.24
CA GLY D 136 -29.45 -24.82 -22.83
C GLY D 136 -28.93 -23.91 -21.72
N ARG D 137 -27.84 -23.18 -21.97
CA ARG D 137 -27.27 -22.30 -20.95
C ARG D 137 -27.16 -20.86 -21.45
N VAL D 138 -27.54 -19.90 -20.61
CA VAL D 138 -27.45 -18.50 -20.99
C VAL D 138 -26.51 -17.75 -20.06
N THR D 139 -25.75 -16.82 -20.62
CA THR D 139 -24.79 -16.05 -19.84
C THR D 139 -24.81 -14.56 -20.18
N GLY D 140 -24.38 -13.74 -19.24
CA GLY D 140 -24.36 -12.31 -19.48
C GLY D 140 -24.13 -11.51 -18.22
N TRP D 141 -24.02 -10.19 -18.41
CA TRP D 141 -23.79 -9.26 -17.30
C TRP D 141 -25.01 -8.35 -17.14
N GLY D 142 -26.14 -8.75 -17.71
CA GLY D 142 -27.36 -7.96 -17.63
C GLY D 142 -27.92 -7.82 -16.22
N ASN D 143 -29.07 -7.14 -16.10
CA ASN D 143 -29.68 -6.93 -14.80
C ASN D 143 -30.01 -8.20 -14.04
N LEU D 144 -30.00 -8.11 -12.73
CA LEU D 144 -30.31 -9.25 -11.89
C LEU D 144 -31.80 -9.40 -11.71
N LYS D 145 -32.52 -8.31 -11.97
CA LYS D 145 -33.98 -8.30 -11.82
C LYS D 145 -34.65 -7.32 -12.79
N GLU D 146 -35.93 -7.55 -13.02
CA GLU D 146 -36.73 -6.69 -13.91
C GLU D 146 -36.95 -5.35 -13.23
N THR D 147 -36.96 -4.28 -14.01
CA THR D 147 -37.18 -2.94 -13.48
C THR D 147 -37.81 -2.01 -14.50
N LYS D 154 -27.77 0.15 -10.75
CA LYS D 154 -28.05 -0.85 -9.68
C LYS D 154 -28.75 -2.09 -10.24
N GLY D 155 -28.60 -3.21 -9.54
CA GLY D 155 -29.22 -4.46 -9.98
C GLY D 155 -28.36 -5.20 -10.97
N GLN D 156 -27.10 -4.78 -11.10
CA GLN D 156 -26.15 -5.40 -12.02
C GLN D 156 -25.26 -6.37 -11.26
N PRO D 157 -24.84 -7.46 -11.92
CA PRO D 157 -23.98 -8.44 -11.28
C PRO D 157 -22.52 -7.97 -11.19
N SER D 158 -21.78 -8.56 -10.26
CA SER D 158 -20.39 -8.20 -10.10
C SER D 158 -19.58 -9.01 -11.13
N VAL D 159 -19.98 -10.26 -11.34
CA VAL D 159 -19.30 -11.11 -12.32
C VAL D 159 -20.29 -11.72 -13.28
N LEU D 160 -19.78 -12.36 -14.33
CA LEU D 160 -20.61 -13.01 -15.34
C LEU D 160 -21.61 -13.96 -14.70
N GLN D 161 -22.86 -13.90 -15.15
CA GLN D 161 -23.92 -14.74 -14.63
C GLN D 161 -24.29 -15.86 -15.60
N VAL D 162 -24.64 -17.02 -15.04
CA VAL D 162 -25.02 -18.17 -15.83
C VAL D 162 -26.30 -18.81 -15.31
N VAL D 163 -27.06 -19.42 -16.21
CA VAL D 163 -28.29 -20.08 -15.82
C VAL D 163 -28.68 -21.08 -16.89
N ASN D 164 -29.15 -22.26 -16.46
CA ASN D 164 -29.56 -23.27 -17.41
C ASN D 164 -31.07 -23.24 -17.50
N LEU D 165 -31.57 -23.24 -18.73
CA LEU D 165 -32.99 -23.15 -18.97
C LEU D 165 -33.42 -24.15 -20.01
N PRO D 166 -34.62 -24.72 -19.85
CA PRO D 166 -35.18 -25.71 -20.78
C PRO D 166 -35.86 -25.08 -22.00
N ILE D 167 -35.67 -25.69 -23.16
CA ILE D 167 -36.32 -25.22 -24.37
C ILE D 167 -37.81 -25.55 -24.19
N VAL D 168 -38.68 -24.66 -24.64
CA VAL D 168 -40.12 -24.84 -24.51
C VAL D 168 -40.78 -25.17 -25.84
N GLU D 169 -41.80 -26.02 -25.81
CA GLU D 169 -42.49 -26.38 -27.04
C GLU D 169 -43.07 -25.13 -27.70
N ARG D 170 -42.99 -25.06 -29.02
CA ARG D 170 -43.47 -23.91 -29.78
C ARG D 170 -44.90 -23.47 -29.45
N PRO D 171 -45.87 -24.39 -29.51
CA PRO D 171 -47.25 -23.98 -29.19
C PRO D 171 -47.37 -23.30 -27.83
N VAL D 172 -46.59 -23.76 -26.85
CA VAL D 172 -46.64 -23.16 -25.53
C VAL D 172 -45.98 -21.78 -25.55
N CYS D 173 -44.96 -21.60 -26.39
CA CYS D 173 -44.29 -20.32 -26.48
C CYS D 173 -45.27 -19.33 -27.07
N LYS D 174 -45.95 -19.76 -28.13
CA LYS D 174 -46.92 -18.92 -28.81
C LYS D 174 -48.05 -18.46 -27.88
N ASP D 175 -48.58 -19.39 -27.09
CA ASP D 175 -49.68 -19.06 -26.18
C ASP D 175 -49.27 -18.18 -25.00
N SER D 176 -47.98 -18.14 -24.68
CA SER D 176 -47.51 -17.34 -23.56
C SER D 176 -47.50 -15.85 -23.85
N THR D 177 -47.53 -15.49 -25.12
CA THR D 177 -47.50 -14.08 -25.50
C THR D 177 -48.37 -13.79 -26.71
N ARG D 178 -48.78 -12.53 -26.85
CA ARG D 178 -49.61 -12.13 -27.97
C ARG D 178 -48.72 -11.51 -29.03
N ILE D 179 -47.48 -11.23 -28.65
CA ILE D 179 -46.51 -10.67 -29.57
C ILE D 179 -46.28 -11.75 -30.61
N ARG D 180 -46.35 -11.39 -31.88
CA ARG D 180 -46.17 -12.36 -32.95
C ARG D 180 -44.77 -12.98 -32.92
N ILE D 181 -44.74 -14.31 -33.04
CA ILE D 181 -43.50 -15.08 -33.00
C ILE D 181 -43.21 -15.78 -34.33
N THR D 182 -41.96 -15.71 -34.79
CA THR D 182 -41.57 -16.31 -36.05
C THR D 182 -40.76 -17.61 -35.88
N ASP D 183 -40.41 -18.21 -37.01
CA ASP D 183 -39.62 -19.44 -36.99
C ASP D 183 -38.15 -19.14 -36.74
N ASN D 184 -37.79 -17.86 -36.77
CA ASN D 184 -36.41 -17.48 -36.53
C ASN D 184 -36.16 -17.22 -35.05
N MET D 185 -37.07 -17.72 -34.21
CA MET D 185 -36.92 -17.59 -32.78
C MET D 185 -37.50 -18.79 -32.06
N PHE D 186 -37.01 -19.04 -30.85
CA PHE D 186 -37.52 -20.14 -30.06
C PHE D 186 -37.52 -19.58 -28.65
N CYS D 187 -38.21 -20.23 -27.73
CA CYS D 187 -38.25 -19.71 -26.38
C CYS D 187 -37.82 -20.75 -25.35
N ALA D 188 -37.27 -20.30 -24.25
CA ALA D 188 -36.80 -21.19 -23.20
C ALA D 188 -37.17 -20.65 -21.82
N GLY D 189 -37.22 -21.54 -20.84
CA GLY D 189 -37.56 -21.11 -19.50
C GLY D 189 -38.39 -22.15 -18.80
N TYR D 190 -38.54 -22.00 -17.49
CA TYR D 190 -39.32 -22.94 -16.70
C TYR D 190 -40.76 -22.48 -16.62
N LYS D 191 -41.67 -23.45 -16.56
CA LYS D 191 -43.08 -23.16 -16.39
C LYS D 191 -43.20 -23.12 -14.87
N PRO D 192 -44.12 -22.33 -14.32
CA PRO D 192 -44.31 -22.22 -12.87
C PRO D 192 -44.31 -23.49 -12.02
N ASP D 193 -45.02 -24.53 -12.44
CA ASP D 193 -45.07 -25.75 -11.63
C ASP D 193 -43.74 -26.50 -11.56
N GLU D 194 -42.78 -26.15 -12.42
CA GLU D 194 -41.49 -26.83 -12.40
C GLU D 194 -40.63 -26.47 -11.19
N GLY D 195 -41.02 -25.41 -10.49
CA GLY D 195 -40.30 -25.02 -9.28
C GLY D 195 -38.91 -24.41 -9.45
N LYS D 196 -38.49 -24.18 -10.68
CA LYS D 196 -37.18 -23.58 -10.92
C LYS D 196 -37.39 -22.28 -11.67
N ARG D 197 -36.50 -21.33 -11.47
CA ARG D 197 -36.63 -20.05 -12.14
C ARG D 197 -35.39 -19.73 -12.96
N GLY D 198 -35.39 -18.55 -13.58
CA GLY D 198 -34.24 -18.15 -14.36
C GLY D 198 -34.66 -17.58 -15.70
N ASP D 199 -33.96 -16.54 -16.13
CA ASP D 199 -34.26 -15.90 -17.39
C ASP D 199 -33.20 -14.85 -17.63
N ALA D 200 -33.04 -14.45 -18.89
CA ALA D 200 -32.08 -13.42 -19.26
C ALA D 200 -32.82 -12.11 -19.06
N CYS D 201 -32.08 -11.00 -19.03
CA CYS D 201 -32.73 -9.70 -18.82
C CYS D 201 -32.00 -8.58 -19.56
N GLU D 202 -32.40 -7.34 -19.28
CA GLU D 202 -31.79 -6.19 -19.94
C GLU D 202 -30.28 -6.16 -19.77
N GLY D 203 -29.58 -6.13 -20.91
CA GLY D 203 -28.13 -6.12 -20.89
C GLY D 203 -27.56 -7.46 -21.35
N ASP D 204 -28.40 -8.49 -21.40
CA ASP D 204 -27.99 -9.82 -21.82
C ASP D 204 -28.13 -10.08 -23.32
N ALA D 205 -28.96 -9.27 -23.99
CA ALA D 205 -29.17 -9.46 -25.42
C ALA D 205 -27.88 -9.64 -26.18
N GLY D 206 -27.92 -10.42 -27.25
CA GLY D 206 -26.72 -10.66 -28.04
C GLY D 206 -25.91 -11.83 -27.50
N GLY D 207 -26.01 -12.09 -26.19
CA GLY D 207 -25.29 -13.20 -25.59
C GLY D 207 -25.75 -14.53 -26.16
N PRO D 208 -24.95 -15.59 -26.01
CA PRO D 208 -25.32 -16.91 -26.54
C PRO D 208 -26.11 -17.85 -25.63
N PHE D 209 -26.97 -18.64 -26.28
CA PHE D 209 -27.76 -19.67 -25.64
C PHE D 209 -27.02 -20.90 -26.14
N VAL D 210 -26.30 -21.57 -25.26
CA VAL D 210 -25.51 -22.74 -25.67
C VAL D 210 -25.99 -24.08 -25.12
N MET D 211 -25.60 -25.14 -25.83
CA MET D 211 -25.96 -26.48 -25.45
C MET D 211 -24.77 -27.41 -25.63
N LYS D 212 -24.59 -28.34 -24.70
CA LYS D 212 -23.47 -29.25 -24.81
C LYS D 212 -23.91 -30.52 -25.53
N SER D 213 -23.36 -30.72 -26.72
CA SER D 213 -23.70 -31.90 -27.51
C SER D 213 -23.28 -33.16 -26.79
N PRO D 214 -24.20 -34.13 -26.68
CA PRO D 214 -23.90 -35.40 -26.01
C PRO D 214 -23.18 -36.34 -26.99
N PHE D 215 -23.10 -35.92 -28.25
CA PHE D 215 -22.45 -36.73 -29.28
C PHE D 215 -20.94 -36.52 -29.37
N ASN D 216 -20.50 -35.25 -29.32
CA ASN D 216 -19.07 -34.98 -29.41
C ASN D 216 -18.52 -34.18 -28.23
N ASN D 217 -19.33 -33.99 -27.20
CA ASN D 217 -18.90 -33.28 -26.00
C ASN D 217 -18.53 -31.81 -26.23
N ARG D 218 -19.01 -31.23 -27.31
CA ARG D 218 -18.69 -29.83 -27.58
C ARG D 218 -19.85 -28.88 -27.34
N TRP D 219 -19.52 -27.60 -27.14
CA TRP D 219 -20.56 -26.60 -26.91
C TRP D 219 -20.98 -25.95 -28.21
N TYR D 220 -22.29 -25.90 -28.44
CA TYR D 220 -22.85 -25.29 -29.64
C TYR D 220 -23.76 -24.11 -29.29
N GLN D 221 -23.72 -23.07 -30.11
CA GLN D 221 -24.57 -21.92 -29.87
C GLN D 221 -25.86 -22.13 -30.64
N MET D 222 -26.93 -22.39 -29.90
CA MET D 222 -28.21 -22.63 -30.54
C MET D 222 -28.98 -21.35 -30.75
N GLY D 223 -28.84 -20.42 -29.81
CA GLY D 223 -29.56 -19.16 -29.93
C GLY D 223 -28.80 -17.93 -29.46
N ILE D 224 -29.43 -16.78 -29.65
CA ILE D 224 -28.88 -15.50 -29.23
C ILE D 224 -29.98 -14.84 -28.39
N VAL D 225 -29.64 -14.37 -27.20
CA VAL D 225 -30.61 -13.72 -26.34
C VAL D 225 -31.18 -12.54 -27.12
N SER D 226 -32.50 -12.54 -27.31
CA SER D 226 -33.14 -11.48 -28.07
C SER D 226 -34.14 -10.63 -27.26
N TRP D 227 -35.31 -11.17 -26.93
CA TRP D 227 -36.29 -10.39 -26.18
C TRP D 227 -37.15 -11.18 -25.19
N GLY D 228 -38.15 -10.50 -24.65
CA GLY D 228 -39.08 -11.11 -23.71
C GLY D 228 -40.01 -10.02 -23.18
N GLU D 229 -40.87 -10.35 -22.24
CA GLU D 229 -41.76 -9.35 -21.65
C GLU D 229 -41.42 -9.33 -20.17
N GLY D 230 -40.63 -8.35 -19.78
CA GLY D 230 -40.20 -8.29 -18.40
C GLY D 230 -39.12 -9.37 -18.27
N CYS D 231 -38.80 -9.76 -17.05
CA CYS D 231 -37.79 -10.80 -16.84
C CYS D 231 -38.20 -11.77 -15.75
N ASP D 232 -38.10 -13.07 -16.06
CA ASP D 232 -38.44 -14.13 -15.12
C ASP D 232 -39.88 -14.05 -14.58
N ARG D 233 -40.83 -13.67 -15.43
CA ARG D 233 -42.24 -13.58 -15.01
C ARG D 233 -42.93 -14.92 -15.17
N ASP D 234 -43.65 -15.35 -14.14
CA ASP D 234 -44.35 -16.62 -14.19
C ASP D 234 -45.25 -16.60 -15.42
N GLY D 235 -45.26 -17.69 -16.16
CA GLY D 235 -46.08 -17.78 -17.35
C GLY D 235 -45.41 -17.27 -18.61
N LYS D 236 -44.36 -16.47 -18.45
CA LYS D 236 -43.67 -15.93 -19.62
C LYS D 236 -42.35 -16.66 -19.86
N TYR D 237 -41.85 -16.57 -21.09
CA TYR D 237 -40.60 -17.20 -21.47
C TYR D 237 -39.71 -16.24 -22.23
N GLY D 238 -38.40 -16.50 -22.19
CA GLY D 238 -37.47 -15.64 -22.90
C GLY D 238 -37.41 -16.04 -24.36
N PHE D 239 -37.11 -15.11 -25.25
CA PHE D 239 -37.04 -15.48 -26.65
C PHE D 239 -35.64 -15.34 -27.21
N TYR D 240 -35.29 -16.27 -28.09
CA TYR D 240 -33.96 -16.29 -28.68
C TYR D 240 -33.98 -16.43 -30.18
N THR D 241 -32.98 -15.83 -30.82
CA THR D 241 -32.81 -15.90 -32.25
C THR D 241 -32.34 -17.30 -32.58
N HIS D 242 -33.07 -17.97 -33.47
CA HIS D 242 -32.74 -19.34 -33.88
C HIS D 242 -31.49 -19.29 -34.75
N VAL D 243 -30.33 -19.45 -34.14
CA VAL D 243 -29.06 -19.37 -34.88
C VAL D 243 -28.94 -20.27 -36.10
N PHE D 244 -29.33 -21.54 -35.98
CA PHE D 244 -29.21 -22.43 -37.13
C PHE D 244 -29.99 -21.96 -38.35
N ARG D 245 -31.23 -21.53 -38.15
CA ARG D 245 -32.09 -21.06 -39.23
C ARG D 245 -31.46 -19.94 -40.06
N LEU D 246 -30.62 -19.13 -39.42
CA LEU D 246 -29.98 -18.03 -40.11
C LEU D 246 -28.53 -18.37 -40.46
N LYS D 247 -28.18 -19.65 -40.36
CA LYS D 247 -26.80 -20.06 -40.65
C LYS D 247 -26.42 -19.79 -42.10
N LYS D 248 -27.38 -19.89 -43.02
CA LYS D 248 -27.14 -19.63 -44.43
C LYS D 248 -26.63 -18.19 -44.58
N TRP D 249 -27.35 -17.26 -43.98
CA TRP D 249 -26.98 -15.85 -44.02
C TRP D 249 -25.58 -15.66 -43.43
N ILE D 250 -25.30 -16.39 -42.35
CA ILE D 250 -24.00 -16.28 -41.70
C ILE D 250 -22.87 -16.66 -42.65
N GLN D 251 -23.07 -17.75 -43.38
CA GLN D 251 -22.08 -18.22 -44.32
C GLN D 251 -21.86 -17.23 -45.47
N LYS D 252 -22.94 -16.71 -46.02
CA LYS D 252 -22.87 -15.77 -47.11
C LYS D 252 -22.00 -14.58 -46.72
N VAL D 253 -22.28 -14.01 -45.54
CA VAL D 253 -21.54 -12.86 -45.04
C VAL D 253 -20.06 -13.18 -44.84
N ILE D 254 -19.80 -14.22 -44.07
CA ILE D 254 -18.42 -14.59 -43.78
C ILE D 254 -17.61 -14.86 -45.04
N ASP D 255 -18.22 -15.47 -46.04
CA ASP D 255 -17.49 -15.77 -47.29
C ASP D 255 -17.27 -14.50 -48.11
N GLN D 256 -18.34 -13.73 -48.32
CA GLN D 256 -18.26 -12.51 -49.10
C GLN D 256 -17.29 -11.49 -48.52
N PHE D 257 -17.32 -11.32 -47.21
CA PHE D 257 -16.47 -10.32 -46.57
C PHE D 257 -15.33 -10.87 -45.72
N GLY D 258 -15.12 -12.18 -45.77
CA GLY D 258 -14.05 -12.78 -45.01
C GLY D 258 -12.69 -12.50 -45.60
N SER E 4 29.92 -17.47 28.01
CA SER E 4 30.49 -16.93 26.74
C SER E 4 29.35 -16.52 25.78
N GLU E 5 29.75 -15.91 24.66
CA GLU E 5 28.84 -15.45 23.61
C GLU E 5 27.79 -14.34 23.87
N TYR E 6 27.63 -13.84 25.10
CA TYR E 6 26.71 -12.70 25.35
C TYR E 6 25.21 -12.84 25.66
N GLN E 7 24.75 -12.06 26.64
CA GLN E 7 23.35 -11.99 27.06
C GLN E 7 22.86 -10.54 26.87
N THR E 8 21.87 -10.32 26.02
CA THR E 8 21.38 -8.97 25.76
C THR E 8 20.75 -8.29 26.97
N PHE E 9 20.85 -6.97 27.00
CA PHE E 9 20.34 -6.16 28.11
C PHE E 9 19.26 -5.17 27.66
N PHE E 10 19.26 -4.80 26.39
CA PHE E 10 18.28 -3.84 25.88
C PHE E 10 17.13 -4.49 25.11
N ASN E 11 16.09 -3.71 24.87
CA ASN E 11 14.91 -4.17 24.12
C ASN E 11 15.12 -3.69 22.70
N PRO E 12 15.46 -4.59 21.77
CA PRO E 12 15.68 -4.22 20.37
C PRO E 12 14.58 -3.39 19.69
N ARG E 13 13.41 -3.33 20.30
CA ARG E 13 12.33 -2.54 19.72
C ARG E 13 12.66 -1.06 19.89
N THR E 14 13.22 -0.71 21.05
CA THR E 14 13.58 0.68 21.34
C THR E 14 15.09 0.94 21.19
N PHE E 15 15.87 -0.12 21.22
CA PHE E 15 17.34 -0.02 21.11
C PHE E 15 17.77 -0.14 19.66
N GLY E 16 16.94 -0.80 18.88
CA GLY E 16 17.28 -1.01 17.48
C GLY E 16 17.99 -2.35 17.45
N SER E 17 18.53 -2.73 16.31
CA SER E 17 19.23 -4.00 16.20
C SER E 17 20.73 -3.82 16.40
N GLY E 18 21.44 -4.94 16.56
CA GLY E 18 22.88 -4.88 16.72
C GLY E 18 23.48 -5.36 18.04
N GLU E 19 22.74 -5.29 19.14
CA GLU E 19 23.31 -5.70 20.42
C GLU E 19 23.83 -7.14 20.51
N ALA E 20 23.03 -8.10 20.05
CA ALA E 20 23.42 -9.51 20.13
C ALA E 20 24.78 -9.83 19.54
N ASP E 21 25.18 -9.10 18.51
CA ASP E 21 26.47 -9.35 17.87
C ASP E 21 27.45 -8.19 18.12
N CYS E 22 27.23 -7.44 19.20
CA CYS E 22 28.08 -6.31 19.57
C CYS E 22 29.49 -6.75 19.95
N GLY E 23 30.46 -5.85 19.78
CA GLY E 23 31.84 -6.13 20.16
C GLY E 23 32.63 -7.10 19.31
N LEU E 24 32.04 -7.62 18.25
CA LEU E 24 32.75 -8.55 17.38
C LEU E 24 32.99 -7.88 16.03
N ARG E 25 34.23 -7.49 15.77
CA ARG E 25 34.59 -6.80 14.53
C ARG E 25 34.63 -7.72 13.32
N PRO E 26 33.93 -7.33 12.24
CA PRO E 26 33.89 -8.11 11.01
C PRO E 26 35.28 -8.45 10.47
N LEU E 27 36.20 -7.50 10.53
CA LEU E 27 37.56 -7.69 10.01
C LEU E 27 38.54 -8.35 10.96
N PHE E 28 38.08 -8.71 12.15
CA PHE E 28 38.98 -9.32 13.11
C PHE E 28 38.40 -10.54 13.81
N GLU E 29 37.60 -10.34 14.84
CA GLU E 29 37.03 -11.48 15.53
C GLU E 29 36.21 -12.38 14.58
N LYS E 30 35.37 -11.79 13.76
CA LYS E 30 34.58 -12.59 12.82
C LYS E 30 35.45 -13.46 11.92
N LYS E 31 36.74 -13.14 11.84
CA LYS E 31 37.68 -13.91 11.01
C LYS E 31 38.81 -14.52 11.85
N SER E 32 38.61 -14.57 13.15
CA SER E 32 39.60 -15.13 14.06
C SER E 32 40.97 -14.49 13.94
N LEU E 33 40.99 -13.24 13.49
CA LEU E 33 42.24 -12.51 13.36
C LEU E 33 42.34 -11.48 14.47
N GLU E 34 43.57 -11.16 14.86
CA GLU E 34 43.83 -10.18 15.92
C GLU E 34 44.45 -8.93 15.32
N ASP E 35 44.18 -7.77 15.91
CA ASP E 35 44.79 -6.55 15.38
C ASP E 35 46.22 -6.48 15.94
N LYS E 36 47.01 -5.51 15.47
CA LYS E 36 48.41 -5.40 15.86
C LYS E 36 48.80 -5.15 17.32
N THR E 37 47.90 -4.60 18.13
CA THR E 37 48.23 -4.32 19.52
C THR E 37 47.31 -4.99 20.52
N GLU E 38 46.30 -5.68 20.00
CA GLU E 38 45.31 -6.37 20.82
C GLU E 38 45.99 -7.17 21.95
N ARG E 39 46.92 -8.03 21.56
CA ARG E 39 47.65 -8.89 22.49
C ARG E 39 48.14 -8.12 23.74
N GLU E 40 48.45 -6.83 23.55
CA GLU E 40 48.93 -5.99 24.64
C GLU E 40 47.85 -5.88 25.72
N LEU E 41 46.61 -5.75 25.27
CA LEU E 41 45.49 -5.63 26.19
C LEU E 41 45.26 -6.93 26.94
N LEU E 42 45.37 -8.06 26.24
CA LEU E 42 45.17 -9.35 26.87
C LEU E 42 46.27 -9.63 27.87
N GLU E 43 47.48 -9.18 27.55
CA GLU E 43 48.62 -9.37 28.45
C GLU E 43 48.46 -8.60 29.75
N SER E 44 47.78 -7.45 29.68
CA SER E 44 47.60 -6.62 30.86
C SER E 44 46.68 -7.24 31.91
N TYR E 45 46.09 -8.38 31.58
CA TYR E 45 45.20 -9.05 32.53
C TYR E 45 46.02 -9.97 33.43
N ILE E 46 47.34 -9.84 33.32
CA ILE E 46 48.23 -10.66 34.11
C ILE E 46 48.18 -10.23 35.58
N ASP E 47 47.85 -11.18 36.44
CA ASP E 47 47.76 -10.92 37.87
C ASP E 47 48.95 -11.52 38.60
N GLY E 48 49.93 -10.68 38.92
CA GLY E 48 51.08 -11.16 39.66
C GLY E 48 50.58 -11.67 41.00
N ARG E 49 51.27 -12.64 41.58
CA ARG E 49 50.82 -13.19 42.85
C ARG E 49 51.70 -12.71 44.01
N ILE F 1 44.71 12.26 20.10
CA ILE F 1 45.48 11.15 20.73
C ILE F 1 46.99 11.46 20.67
N VAL F 2 47.60 11.55 21.84
CA VAL F 2 49.05 11.82 21.96
C VAL F 2 49.84 10.54 22.15
N GLU F 3 50.94 10.43 21.42
CA GLU F 3 51.82 9.27 21.51
C GLU F 3 51.10 7.97 21.15
N GLY F 4 50.22 8.05 20.16
CA GLY F 4 49.49 6.87 19.73
C GLY F 4 50.02 6.41 18.39
N SER F 5 49.23 5.62 17.67
CA SER F 5 49.64 5.13 16.35
C SER F 5 48.43 5.06 15.40
N ASP F 6 48.67 4.97 14.10
CA ASP F 6 47.55 4.89 13.18
C ASP F 6 46.76 3.62 13.46
N ALA F 7 45.44 3.71 13.39
CA ALA F 7 44.56 2.57 13.61
C ALA F 7 44.57 1.73 12.35
N GLU F 8 44.15 0.47 12.48
CA GLU F 8 44.09 -0.41 11.34
C GLU F 8 42.69 -0.29 10.77
N ILE F 9 42.54 -0.63 9.50
CA ILE F 9 41.23 -0.55 8.86
C ILE F 9 40.23 -1.41 9.64
N GLY F 10 39.09 -0.83 9.98
CA GLY F 10 38.07 -1.56 10.72
C GLY F 10 38.45 -1.98 12.13
N MET F 11 39.50 -1.37 12.66
CA MET F 11 39.95 -1.70 14.01
C MET F 11 38.96 -1.18 15.06
N SER F 12 38.21 -0.12 14.71
CA SER F 12 37.22 0.48 15.61
C SER F 12 35.95 0.80 14.83
N PRO F 13 35.20 -0.23 14.42
CA PRO F 13 33.95 -0.11 13.65
C PRO F 13 32.92 0.77 14.32
N TRP F 14 33.01 0.88 15.64
CA TRP F 14 32.08 1.68 16.43
C TRP F 14 32.51 3.15 16.61
N GLN F 15 33.70 3.49 16.14
CA GLN F 15 34.18 4.87 16.26
C GLN F 15 33.30 5.81 15.44
N VAL F 16 32.80 6.87 16.07
CA VAL F 16 31.94 7.85 15.40
C VAL F 16 32.52 9.25 15.45
N MET F 17 32.44 9.97 14.33
CA MET F 17 32.93 11.34 14.28
C MET F 17 31.76 12.32 14.30
N LEU F 18 31.72 13.21 15.28
CA LEU F 18 30.66 14.22 15.31
C LEU F 18 31.27 15.38 14.54
N PHE F 19 30.62 15.74 13.44
CA PHE F 19 31.12 16.80 12.55
C PHE F 19 30.18 18.01 12.51
N ARG F 20 30.71 19.16 12.91
CA ARG F 20 29.95 20.40 12.91
C ARG F 20 29.74 20.89 11.47
N LYS F 21 28.51 21.28 11.15
CA LYS F 21 28.15 21.77 9.81
C LYS F 21 28.75 23.14 9.50
N SER F 22 28.55 24.10 10.40
CA SER F 22 29.04 25.46 10.19
C SER F 22 29.77 26.05 11.41
N PRO F 23 31.10 26.17 11.32
CA PRO F 23 31.90 25.78 10.16
C PRO F 23 32.09 24.26 10.12
N GLN F 24 32.55 23.76 8.98
CA GLN F 24 32.80 22.33 8.77
C GLN F 24 34.05 21.91 9.51
N GLU F 25 33.89 21.26 10.66
CA GLU F 25 35.06 20.84 11.41
C GLU F 25 34.77 19.70 12.37
N LEU F 26 35.84 19.03 12.80
CA LEU F 26 35.72 17.95 13.74
C LEU F 26 35.20 18.55 15.03
N LEU F 27 34.24 17.90 15.66
CA LEU F 27 33.71 18.41 16.91
C LEU F 27 34.16 17.48 18.02
N CYS F 28 33.84 16.19 17.87
CA CYS F 28 34.18 15.21 18.89
C CYS F 28 34.18 13.78 18.35
N GLY F 29 34.41 12.85 19.27
CA GLY F 29 34.37 11.44 18.95
C GLY F 29 33.06 10.98 19.58
N ALA F 30 32.72 9.71 19.39
CA ALA F 30 31.49 9.13 19.93
C ALA F 30 31.53 7.67 19.48
N SER F 31 30.57 6.87 19.93
CA SER F 31 30.55 5.46 19.57
C SER F 31 29.16 4.95 19.19
N LEU F 32 29.14 3.87 18.42
CA LEU F 32 27.93 3.24 17.94
C LEU F 32 27.56 2.09 18.88
N ILE F 33 26.36 2.12 19.47
CA ILE F 33 25.99 1.02 20.35
C ILE F 33 24.86 0.16 19.78
N SER F 34 24.22 0.65 18.72
CA SER F 34 23.15 -0.10 18.03
C SER F 34 23.01 0.55 16.66
N ASP F 35 22.04 0.13 15.86
CA ASP F 35 21.92 0.75 14.54
C ASP F 35 21.29 2.14 14.62
N ARG F 36 20.85 2.56 15.81
CA ARG F 36 20.25 3.88 15.92
C ARG F 36 20.59 4.70 17.16
N TRP F 37 21.55 4.23 17.97
CA TRP F 37 21.94 4.97 19.17
C TRP F 37 23.44 5.22 19.21
N VAL F 38 23.81 6.47 19.47
CA VAL F 38 25.21 6.85 19.53
C VAL F 38 25.51 7.41 20.90
N LEU F 39 26.66 7.04 21.46
CA LEU F 39 27.01 7.53 22.76
C LEU F 39 28.16 8.53 22.63
N THR F 40 28.13 9.58 23.46
CA THR F 40 29.19 10.59 23.45
C THR F 40 29.25 11.36 24.76
N ALA F 41 30.14 12.35 24.81
CA ALA F 41 30.30 13.17 26.00
C ALA F 41 29.32 14.34 25.97
N ALA F 42 28.72 14.63 27.12
CA ALA F 42 27.78 15.72 27.24
C ALA F 42 28.38 17.09 26.93
N HIS F 43 29.64 17.32 27.31
CA HIS F 43 30.23 18.63 27.06
C HIS F 43 30.50 18.91 25.58
N CYS F 44 30.43 17.88 24.76
CA CYS F 44 30.64 18.02 23.33
C CYS F 44 29.46 18.75 22.70
N LEU F 45 28.27 18.45 23.21
CA LEU F 45 27.02 19.02 22.71
C LEU F 45 26.56 20.23 23.52
N LEU F 46 26.88 20.26 24.81
CA LEU F 46 26.47 21.37 25.63
C LEU F 46 27.53 21.83 26.61
N TYR F 47 28.00 23.06 26.43
CA TYR F 47 28.99 23.65 27.31
C TYR F 47 29.19 25.09 26.89
N PRO F 48 28.31 25.98 27.35
CA PRO F 48 28.36 27.41 27.03
C PRO F 48 29.77 28.02 26.99
N PRO F 49 30.53 27.90 28.11
CA PRO F 49 31.89 28.45 28.16
C PRO F 49 32.77 28.24 26.94
N TRP F 50 33.10 27.01 26.57
CA TRP F 50 33.94 26.84 25.39
C TRP F 50 33.18 26.55 24.11
N ASP F 51 32.25 27.44 23.75
CA ASP F 51 31.48 27.34 22.50
C ASP F 51 30.74 26.04 22.19
N LYS F 52 29.71 25.72 22.97
CA LYS F 52 28.95 24.51 22.74
C LYS F 52 27.51 24.52 23.28
N ASN F 53 26.56 24.40 22.35
CA ASN F 53 25.13 24.33 22.64
C ASN F 53 24.45 23.99 21.32
N PHE F 54 24.85 22.86 20.75
CA PHE F 54 24.34 22.40 19.48
C PHE F 54 22.95 21.79 19.51
N THR F 55 22.21 21.97 18.42
CA THR F 55 20.88 21.41 18.28
C THR F 55 21.09 20.28 17.31
N GLU F 56 20.10 19.43 17.15
CA GLU F 56 20.20 18.29 16.25
C GLU F 56 20.68 18.61 14.83
N ASN F 57 20.25 19.75 14.28
CA ASN F 57 20.64 20.11 12.90
C ASN F 57 22.03 20.72 12.72
N ASP F 58 22.67 21.06 13.82
CA ASP F 58 24.01 21.65 13.77
C ASP F 58 25.09 20.63 13.45
N LEU F 59 24.79 19.35 13.63
CA LEU F 59 25.80 18.33 13.44
C LEU F 59 25.52 17.24 12.44
N LEU F 60 26.60 16.53 12.11
CA LEU F 60 26.56 15.40 11.21
C LEU F 60 27.23 14.27 11.96
N VAL F 61 26.63 13.09 11.90
CA VAL F 61 27.20 11.94 12.56
C VAL F 61 27.82 11.12 11.44
N ARG F 62 29.15 11.08 11.43
CA ARG F 62 29.89 10.36 10.40
C ARG F 62 30.40 9.03 10.91
N ILE F 63 29.91 7.95 10.32
CA ILE F 63 30.29 6.63 10.77
C ILE F 63 31.11 5.84 9.78
N GLY F 64 31.97 4.99 10.29
CA GLY F 64 32.81 4.17 9.45
C GLY F 64 34.01 4.91 8.90
N LYS F 65 34.38 6.04 9.50
CA LYS F 65 35.51 6.78 8.99
C LYS F 65 36.90 6.28 9.41
N HIS F 66 37.90 6.68 8.63
CA HIS F 66 39.28 6.33 8.92
C HIS F 66 40.11 7.60 8.72
N SER F 67 39.98 8.20 7.54
CA SER F 67 40.70 9.43 7.28
C SER F 67 40.03 10.56 8.05
N ARG F 68 40.82 11.44 8.63
CA ARG F 68 40.26 12.53 9.38
C ARG F 68 39.55 13.57 8.50
N THR F 69 40.15 13.88 7.36
CA THR F 69 39.62 14.92 6.48
C THR F 69 38.92 14.49 5.20
N ARG F 70 39.34 13.38 4.61
CA ARG F 70 38.73 12.93 3.36
C ARG F 70 37.31 12.38 3.47
N TYR F 71 36.47 12.75 2.51
CA TYR F 71 35.10 12.26 2.46
C TYR F 71 35.17 10.91 1.77
N GLU F 72 35.09 9.85 2.57
CA GLU F 72 35.19 8.48 2.11
C GLU F 72 33.82 7.99 1.63
N ARG F 73 33.43 8.53 0.47
CA ARG F 73 32.15 8.27 -0.19
C ARG F 73 31.53 6.87 -0.13
N ASN F 74 32.35 5.84 -0.36
CA ASN F 74 31.84 4.47 -0.37
C ASN F 74 31.93 3.68 0.93
N ILE F 75 32.58 4.23 1.94
CA ILE F 75 32.72 3.52 3.21
C ILE F 75 32.03 4.17 4.39
N GLU F 76 32.19 5.49 4.56
CA GLU F 76 31.56 6.17 5.67
C GLU F 76 30.09 6.47 5.40
N LYS F 77 29.31 6.52 6.47
CA LYS F 77 27.89 6.80 6.37
C LYS F 77 27.59 8.01 7.22
N ILE F 78 26.88 8.97 6.65
CA ILE F 78 26.49 10.18 7.35
C ILE F 78 25.08 9.98 7.88
N SER F 79 24.89 10.15 9.18
CA SER F 79 23.58 9.98 9.78
C SER F 79 23.07 11.31 10.35
N MET F 80 21.76 11.44 10.41
CA MET F 80 21.16 12.66 10.94
C MET F 80 20.60 12.41 12.34
N LEU F 81 20.71 13.43 13.19
CA LEU F 81 20.24 13.32 14.56
C LEU F 81 18.75 13.59 14.69
N GLU F 82 18.05 12.69 15.37
CA GLU F 82 16.62 12.89 15.59
C GLU F 82 16.48 13.61 16.91
N LYS F 83 17.31 13.22 17.87
CA LYS F 83 17.25 13.86 19.18
C LYS F 83 18.49 13.64 20.04
N ILE F 84 18.83 14.67 20.81
CA ILE F 84 19.97 14.63 21.71
C ILE F 84 19.44 14.53 23.12
N TYR F 85 20.07 13.68 23.92
CA TYR F 85 19.68 13.47 25.30
C TYR F 85 20.87 13.67 26.23
N ILE F 86 20.85 14.74 27.01
CA ILE F 86 21.97 15.00 27.90
C ILE F 86 21.57 14.53 29.29
N HIS F 87 22.51 13.93 30.01
CA HIS F 87 22.19 13.45 31.35
C HIS F 87 21.61 14.61 32.13
N PRO F 88 20.42 14.40 32.73
CA PRO F 88 19.73 15.43 33.52
C PRO F 88 20.56 16.09 34.61
N ARG F 89 21.52 15.37 35.17
CA ARG F 89 22.35 15.91 36.22
C ARG F 89 23.79 16.23 35.78
N TYR F 90 23.96 16.44 34.48
CA TYR F 90 25.26 16.78 33.91
C TYR F 90 25.79 18.04 34.60
N ASN F 91 27.06 17.99 35.01
CA ASN F 91 27.70 19.09 35.73
C ASN F 91 28.78 19.87 34.95
N TRP F 92 28.34 20.88 34.21
CA TRP F 92 29.25 21.71 33.43
C TRP F 92 29.81 22.83 34.31
N ARG F 93 28.97 23.31 35.23
CA ARG F 93 29.35 24.39 36.13
C ARG F 93 30.54 24.07 37.03
N GLU F 94 30.83 22.79 37.27
CA GLU F 94 31.95 22.47 38.14
C GLU F 94 33.08 21.59 37.59
N ASN F 95 32.95 20.26 37.72
CA ASN F 95 34.02 19.36 37.26
C ASN F 95 33.68 18.37 36.15
N LEU F 96 32.61 18.62 35.40
CA LEU F 96 32.22 17.73 34.30
C LEU F 96 31.72 16.36 34.72
N ASP F 97 31.12 16.29 35.91
CA ASP F 97 30.59 15.03 36.42
C ASP F 97 29.42 14.56 35.55
N ARG F 98 29.29 13.24 35.39
CA ARG F 98 28.21 12.67 34.57
C ARG F 98 28.25 13.22 33.14
N ASP F 99 29.45 13.36 32.61
CA ASP F 99 29.66 13.87 31.26
C ASP F 99 29.26 12.79 30.27
N ILE F 100 27.98 12.74 29.93
CA ILE F 100 27.48 11.71 29.03
C ILE F 100 26.23 12.17 28.29
N ALA F 101 26.09 11.69 27.06
CA ALA F 101 24.95 12.05 26.24
C ALA F 101 24.58 10.96 25.23
N LEU F 102 23.30 10.84 24.93
CA LEU F 102 22.85 9.86 23.95
C LEU F 102 22.30 10.61 22.75
N MET F 103 22.53 10.06 21.54
CA MET F 103 22.03 10.69 20.32
C MET F 103 21.28 9.65 19.50
N LYS F 104 19.99 9.86 19.31
CA LYS F 104 19.20 8.91 18.52
C LYS F 104 19.26 9.29 17.05
N LEU F 105 19.58 8.31 16.20
CA LEU F 105 19.67 8.57 14.78
C LEU F 105 18.27 8.53 14.14
N LYS F 106 18.05 9.36 13.12
CA LYS F 106 16.76 9.42 12.44
C LYS F 106 16.46 8.10 11.75
N LYS F 107 17.48 7.56 11.10
CA LYS F 107 17.37 6.29 10.38
C LYS F 107 18.43 5.32 10.88
N PRO F 108 18.09 4.02 10.97
CA PRO F 108 19.04 3.01 11.42
C PRO F 108 20.21 2.93 10.44
N VAL F 109 21.44 2.81 10.95
CA VAL F 109 22.61 2.72 10.09
C VAL F 109 22.82 1.30 9.63
N ALA F 110 23.38 1.18 8.42
CA ALA F 110 23.66 -0.12 7.84
C ALA F 110 25.05 -0.54 8.30
N PHE F 111 25.14 -1.71 8.93
CA PHE F 111 26.43 -2.20 9.38
C PHE F 111 27.21 -2.67 8.17
N SER F 112 28.52 -2.82 8.36
CA SER F 112 29.41 -3.25 7.29
C SER F 112 30.71 -3.70 7.94
N ASP F 113 31.77 -3.84 7.15
CA ASP F 113 33.06 -4.25 7.70
C ASP F 113 33.65 -3.08 8.51
N TYR F 114 33.16 -1.87 8.24
CA TYR F 114 33.69 -0.68 8.91
C TYR F 114 32.74 -0.06 9.90
N ILE F 115 31.51 -0.53 9.90
CA ILE F 115 30.50 -0.02 10.80
C ILE F 115 29.94 -1.20 11.59
N HIS F 116 30.11 -1.16 12.90
CA HIS F 116 29.65 -2.22 13.79
C HIS F 116 29.58 -1.73 15.22
N PRO F 117 28.50 -2.04 15.94
CA PRO F 117 28.33 -1.61 17.34
C PRO F 117 29.23 -2.27 18.37
N VAL F 118 29.57 -1.51 19.42
CA VAL F 118 30.40 -2.01 20.51
C VAL F 118 29.46 -2.42 21.65
N CYS F 119 29.91 -3.27 22.56
CA CYS F 119 29.04 -3.68 23.65
C CYS F 119 29.14 -2.74 24.84
N LEU F 120 28.09 -2.71 25.65
CA LEU F 120 28.08 -1.93 26.88
C LEU F 120 28.18 -3.01 27.95
N PRO F 121 29.06 -2.82 28.94
CA PRO F 121 29.26 -3.79 30.01
C PRO F 121 28.08 -4.18 30.90
N ASP F 122 28.12 -5.43 31.34
CA ASP F 122 27.13 -5.96 32.25
C ASP F 122 27.79 -5.79 33.62
N ARG F 123 27.05 -6.04 34.68
CA ARG F 123 27.56 -5.89 36.05
C ARG F 123 28.89 -6.60 36.27
N GLU F 124 28.93 -7.88 35.91
CA GLU F 124 30.13 -8.68 36.09
C GLU F 124 31.31 -8.27 35.24
N THR F 125 31.08 -8.03 33.94
CA THR F 125 32.16 -7.63 33.05
C THR F 125 32.79 -6.31 33.50
N ALA F 126 31.96 -5.40 34.01
CA ALA F 126 32.46 -4.11 34.47
C ALA F 126 33.36 -4.28 35.68
N ALA F 127 32.92 -5.05 36.67
CA ALA F 127 33.71 -5.27 37.87
C ALA F 127 34.98 -6.06 37.56
N SER F 128 34.86 -7.01 36.65
CA SER F 128 35.98 -7.85 36.26
C SER F 128 37.02 -7.20 35.35
N LEU F 129 36.61 -6.22 34.56
CA LEU F 129 37.54 -5.58 33.64
C LEU F 129 38.13 -4.24 34.10
N LEU F 130 37.34 -3.45 34.83
CA LEU F 130 37.81 -2.15 35.29
C LEU F 130 38.61 -2.26 36.58
N GLN F 131 39.88 -2.62 36.45
CA GLN F 131 40.78 -2.76 37.60
C GLN F 131 42.13 -2.22 37.23
N ALA F 132 42.82 -1.66 38.22
CA ALA F 132 44.15 -1.08 38.03
C ALA F 132 45.10 -2.02 37.30
N GLY F 133 45.81 -1.49 36.31
CA GLY F 133 46.75 -2.31 35.57
C GLY F 133 46.22 -2.80 34.25
N TYR F 134 44.93 -3.12 34.20
CA TYR F 134 44.33 -3.61 32.97
C TYR F 134 44.25 -2.48 31.97
N LYS F 135 44.68 -2.77 30.74
CA LYS F 135 44.69 -1.76 29.71
C LYS F 135 43.43 -1.75 28.86
N GLY F 136 43.05 -0.54 28.48
CA GLY F 136 41.89 -0.31 27.63
C GLY F 136 42.45 0.39 26.41
N ARG F 137 41.59 0.65 25.43
CA ARG F 137 42.03 1.32 24.20
C ARG F 137 41.20 2.56 23.91
N VAL F 138 41.89 3.64 23.55
CA VAL F 138 41.25 4.91 23.21
C VAL F 138 41.57 5.30 21.76
N THR F 139 40.56 5.78 21.05
CA THR F 139 40.71 6.17 19.66
C THR F 139 40.11 7.56 19.41
N GLY F 140 40.58 8.23 18.36
CA GLY F 140 40.06 9.55 18.04
C GLY F 140 40.87 10.25 16.98
N TRP F 141 40.40 11.42 16.56
CA TRP F 141 41.06 12.24 15.54
C TRP F 141 41.60 13.55 16.14
N GLY F 142 41.53 13.67 17.46
CA GLY F 142 42.00 14.87 18.13
C GLY F 142 43.47 15.19 17.96
N ASN F 143 43.88 16.31 18.55
CA ASN F 143 45.27 16.77 18.46
C ASN F 143 46.30 15.74 18.86
N LEU F 144 47.43 15.77 18.17
CA LEU F 144 48.55 14.86 18.47
C LEU F 144 49.35 15.39 19.66
N LYS F 145 49.25 16.69 19.93
CA LYS F 145 49.97 17.28 21.06
C LYS F 145 49.10 18.30 21.79
N GLU F 146 49.51 18.64 23.00
CA GLU F 146 48.78 19.59 23.82
C GLU F 146 48.80 20.99 23.20
N GLY F 155 48.07 20.59 14.71
CA GLY F 155 48.67 19.21 14.74
C GLY F 155 47.64 18.10 14.85
N GLN F 156 46.99 17.79 13.74
CA GLN F 156 45.99 16.73 13.72
C GLN F 156 46.43 15.59 12.81
N PRO F 157 46.15 14.34 13.22
CA PRO F 157 46.51 13.15 12.45
C PRO F 157 45.79 13.11 11.10
N SER F 158 46.31 12.35 10.16
CA SER F 158 45.65 12.27 8.85
C SER F 158 44.62 11.15 8.88
N VAL F 159 44.81 10.20 9.79
CA VAL F 159 43.90 9.08 9.96
C VAL F 159 43.58 8.85 11.45
N LEU F 160 42.64 7.95 11.72
CA LEU F 160 42.24 7.66 13.10
C LEU F 160 43.43 7.16 13.93
N GLN F 161 43.57 7.72 15.13
CA GLN F 161 44.66 7.36 16.05
C GLN F 161 44.18 6.45 17.17
N VAL F 162 45.06 5.59 17.64
CA VAL F 162 44.73 4.65 18.69
C VAL F 162 45.87 4.52 19.70
N VAL F 163 45.53 4.33 20.96
CA VAL F 163 46.56 4.16 21.98
C VAL F 163 45.99 3.27 23.08
N ASN F 164 46.82 2.41 23.65
CA ASN F 164 46.39 1.54 24.73
C ASN F 164 46.93 2.08 26.05
N LEU F 165 46.05 2.26 27.03
CA LEU F 165 46.45 2.82 28.30
C LEU F 165 45.94 2.00 29.48
N PRO F 166 46.73 1.90 30.54
CA PRO F 166 46.30 1.13 31.72
C PRO F 166 45.37 1.91 32.62
N ILE F 167 44.44 1.21 33.26
CA ILE F 167 43.53 1.86 34.18
C ILE F 167 44.37 2.16 35.41
N VAL F 168 44.08 3.28 36.07
CA VAL F 168 44.83 3.67 37.24
C VAL F 168 43.99 3.54 38.50
N GLU F 169 44.63 3.21 39.62
CA GLU F 169 43.89 3.07 40.86
C GLU F 169 43.30 4.42 41.28
N ARG F 170 42.06 4.40 41.77
CA ARG F 170 41.36 5.62 42.18
C ARG F 170 42.15 6.55 43.10
N PRO F 171 42.73 6.01 44.19
CA PRO F 171 43.49 6.88 45.07
C PRO F 171 44.65 7.59 44.37
N VAL F 172 45.23 6.95 43.36
CA VAL F 172 46.32 7.58 42.63
C VAL F 172 45.76 8.64 41.67
N CYS F 173 44.55 8.41 41.16
CA CYS F 173 43.92 9.36 40.26
C CYS F 173 43.69 10.65 41.04
N LYS F 174 43.12 10.50 42.24
CA LYS F 174 42.79 11.61 43.09
C LYS F 174 44.00 12.40 43.57
N ASP F 175 45.15 11.71 43.70
CA ASP F 175 46.35 12.41 44.15
C ASP F 175 47.01 13.16 42.98
N SER F 176 46.61 12.85 41.76
CA SER F 176 47.23 13.50 40.59
C SER F 176 46.68 14.89 40.31
N THR F 177 45.52 15.21 40.87
CA THR F 177 44.90 16.50 40.64
C THR F 177 44.05 16.89 41.84
N ARG F 178 43.81 18.19 42.01
CA ARG F 178 42.99 18.68 43.10
C ARG F 178 41.53 18.75 42.65
N ILE F 179 41.31 18.48 41.37
CA ILE F 179 39.97 18.50 40.79
C ILE F 179 39.14 17.39 41.41
N ARG F 180 37.87 17.68 41.70
CA ARG F 180 36.98 16.69 42.30
C ARG F 180 36.79 15.53 41.34
N ILE F 181 37.08 14.33 41.81
CA ILE F 181 36.93 13.12 41.00
C ILE F 181 35.77 12.34 41.58
N THR F 182 34.71 12.18 40.80
CA THR F 182 33.52 11.46 41.26
C THR F 182 33.56 9.97 40.87
N ASP F 183 32.57 9.21 41.33
CA ASP F 183 32.50 7.79 41.01
C ASP F 183 32.04 7.55 39.59
N ASN F 184 31.58 8.61 38.92
CA ASN F 184 31.13 8.48 37.55
C ASN F 184 32.27 8.67 36.57
N MET F 185 33.49 8.69 37.10
CA MET F 185 34.66 8.83 36.27
C MET F 185 35.79 7.95 36.76
N PHE F 186 36.73 7.68 35.86
CA PHE F 186 37.89 6.89 36.18
C PHE F 186 39.02 7.44 35.34
N CYS F 187 40.25 7.24 35.79
CA CYS F 187 41.38 7.75 35.04
C CYS F 187 42.29 6.64 34.53
N ALA F 188 43.01 6.93 33.47
CA ALA F 188 43.92 5.96 32.87
C ALA F 188 45.14 6.66 32.30
N GLY F 189 46.21 5.90 32.11
CA GLY F 189 47.44 6.46 31.58
C GLY F 189 48.62 5.84 32.31
N TYR F 190 49.82 6.05 31.80
CA TYR F 190 51.01 5.51 32.44
C TYR F 190 51.57 6.42 33.51
N LYS F 191 52.10 5.81 34.58
CA LYS F 191 52.73 6.58 35.63
C LYS F 191 54.10 6.94 35.07
N PRO F 192 54.69 8.06 35.52
CA PRO F 192 56.01 8.49 35.04
C PRO F 192 57.09 7.41 34.95
N ASP F 193 57.23 6.58 35.99
CA ASP F 193 58.28 5.56 35.96
C ASP F 193 58.01 4.31 35.10
N GLU F 194 56.86 4.25 34.44
CA GLU F 194 56.55 3.12 33.57
C GLU F 194 57.14 3.37 32.19
N GLY F 195 57.77 4.53 32.04
CA GLY F 195 58.43 4.90 30.81
C GLY F 195 57.68 4.83 29.49
N LYS F 196 56.36 4.83 29.53
CA LYS F 196 55.55 4.78 28.32
C LYS F 196 54.65 6.00 28.34
N ARG F 197 54.26 6.50 27.16
CA ARG F 197 53.41 7.67 27.07
C ARG F 197 52.08 7.37 26.39
N GLY F 198 51.26 8.40 26.20
CA GLY F 198 49.98 8.21 25.56
C GLY F 198 48.85 8.82 26.35
N ASP F 199 47.88 9.40 25.64
CA ASP F 199 46.75 10.03 26.30
C ASP F 199 45.84 10.59 25.20
N ALA F 200 44.61 10.90 25.57
CA ALA F 200 43.66 11.47 24.61
C ALA F 200 43.85 12.99 24.68
N CYS F 201 43.45 13.71 23.64
CA CYS F 201 43.63 15.15 23.69
C CYS F 201 42.44 15.91 23.13
N GLU F 202 42.62 17.20 22.86
CA GLU F 202 41.54 18.04 22.34
C GLU F 202 41.02 17.52 21.02
N GLY F 203 39.73 17.18 20.98
CA GLY F 203 39.12 16.66 19.77
C GLY F 203 38.78 15.18 19.89
N ASP F 204 39.24 14.55 20.96
CA ASP F 204 38.98 13.13 21.21
C ASP F 204 37.76 12.89 22.11
N ALA F 205 37.26 13.93 22.75
CA ALA F 205 36.12 13.80 23.64
C ALA F 205 34.94 13.10 23.00
N GLY F 206 34.22 12.33 23.81
CA GLY F 206 33.08 11.59 23.32
C GLY F 206 33.51 10.26 22.77
N GLY F 207 34.78 10.15 22.40
CA GLY F 207 35.31 8.92 21.87
C GLY F 207 35.22 7.85 22.94
N PRO F 208 35.28 6.56 22.58
CA PRO F 208 35.20 5.47 23.55
C PRO F 208 36.50 4.88 24.07
N PHE F 209 36.46 4.42 25.32
CA PHE F 209 37.58 3.76 25.98
C PHE F 209 37.07 2.32 26.07
N VAL F 210 37.60 1.45 25.21
CA VAL F 210 37.15 0.08 25.16
C VAL F 210 38.13 -0.91 25.73
N MET F 211 37.60 -2.08 26.07
CA MET F 211 38.41 -3.16 26.62
C MET F 211 37.95 -4.49 26.03
N LYS F 212 38.89 -5.36 25.72
CA LYS F 212 38.50 -6.65 25.16
C LYS F 212 38.31 -7.67 26.25
N SER F 213 37.08 -8.18 26.38
CA SER F 213 36.79 -9.19 27.38
C SER F 213 37.55 -10.46 27.11
N PRO F 214 38.29 -10.97 28.10
CA PRO F 214 39.04 -12.21 27.88
C PRO F 214 38.11 -13.40 28.03
N PHE F 215 36.86 -13.13 28.42
CA PHE F 215 35.86 -14.17 28.64
C PHE F 215 35.00 -14.52 27.43
N ASN F 216 34.52 -13.53 26.70
CA ASN F 216 33.68 -13.83 25.53
C ASN F 216 34.30 -13.25 24.27
N ASN F 217 35.48 -12.67 24.42
CA ASN F 217 36.18 -12.12 23.29
C ASN F 217 35.51 -10.89 22.64
N ARG F 218 34.59 -10.24 23.33
CA ARG F 218 33.91 -9.06 22.78
C ARG F 218 34.47 -7.76 23.32
N TRP F 219 34.38 -6.70 22.52
CA TRP F 219 34.86 -5.38 22.91
C TRP F 219 33.78 -4.60 23.67
N TYR F 220 34.10 -4.15 24.89
CA TYR F 220 33.18 -3.39 25.72
C TYR F 220 33.63 -1.95 25.91
N GLN F 221 32.69 -1.01 25.89
CA GLN F 221 33.03 0.39 26.09
C GLN F 221 32.88 0.68 27.57
N MET F 222 34.02 0.78 28.27
CA MET F 222 34.01 1.04 29.70
C MET F 222 33.93 2.51 30.03
N GLY F 223 34.42 3.35 29.12
CA GLY F 223 34.37 4.77 29.37
C GLY F 223 34.23 5.68 28.15
N ILE F 224 34.09 6.96 28.44
CA ILE F 224 33.96 7.98 27.41
C ILE F 224 35.03 9.04 27.66
N VAL F 225 35.85 9.34 26.66
CA VAL F 225 36.89 10.36 26.81
C VAL F 225 36.17 11.63 27.25
N SER F 226 36.56 12.14 28.42
CA SER F 226 35.93 13.31 28.99
C SER F 226 36.86 14.50 29.18
N TRP F 227 37.83 14.38 30.08
CA TRP F 227 38.72 15.50 30.31
C TRP F 227 40.11 15.17 30.79
N GLY F 228 40.86 16.23 31.07
CA GLY F 228 42.22 16.12 31.55
C GLY F 228 42.79 17.51 31.78
N GLU F 229 44.01 17.58 32.29
CA GLU F 229 44.66 18.86 32.50
C GLU F 229 45.80 18.84 31.49
N GLY F 230 45.54 19.37 30.30
CA GLY F 230 46.54 19.35 29.25
C GLY F 230 46.44 17.98 28.61
N CYS F 231 47.55 17.48 28.06
CA CYS F 231 47.57 16.17 27.41
C CYS F 231 48.95 15.52 27.58
N ASP F 232 48.95 14.26 28.03
CA ASP F 232 50.16 13.49 28.19
C ASP F 232 51.22 14.14 29.07
N ARG F 233 50.79 14.81 30.13
CA ARG F 233 51.74 15.44 31.04
C ARG F 233 52.21 14.42 32.05
N ASP F 234 53.47 14.51 32.45
CA ASP F 234 54.00 13.57 33.42
C ASP F 234 53.27 13.81 34.73
N GLY F 235 52.87 12.73 35.39
CA GLY F 235 52.19 12.86 36.67
C GLY F 235 50.70 13.14 36.58
N LYS F 236 50.17 13.32 35.38
CA LYS F 236 48.74 13.57 35.25
C LYS F 236 48.14 12.36 34.53
N TYR F 237 46.83 12.25 34.54
CA TYR F 237 46.16 11.14 33.89
C TYR F 237 44.93 11.65 33.18
N GLY F 238 44.47 10.89 32.19
CA GLY F 238 43.27 11.28 31.45
C GLY F 238 42.05 10.76 32.20
N PHE F 239 40.93 11.46 32.09
CA PHE F 239 39.72 11.02 32.78
C PHE F 239 38.59 10.67 31.83
N TYR F 240 37.84 9.63 32.19
CA TYR F 240 36.74 9.12 31.37
C TYR F 240 35.44 8.94 32.12
N THR F 241 34.33 9.04 31.40
CA THR F 241 33.02 8.84 32.02
C THR F 241 32.89 7.34 32.28
N HIS F 242 32.52 6.99 33.50
CA HIS F 242 32.35 5.59 33.89
C HIS F 242 31.01 5.13 33.31
N VAL F 243 31.06 4.55 32.12
CA VAL F 243 29.85 4.12 31.46
C VAL F 243 28.93 3.23 32.27
N PHE F 244 29.44 2.09 32.71
CA PHE F 244 28.61 1.18 33.48
C PHE F 244 27.88 1.90 34.61
N ARG F 245 28.56 2.81 35.30
CA ARG F 245 27.91 3.53 36.39
C ARG F 245 26.68 4.31 35.93
N LEU F 246 26.65 4.66 34.64
CA LEU F 246 25.53 5.42 34.06
C LEU F 246 24.60 4.58 33.19
N LYS F 247 24.72 3.25 33.24
CA LYS F 247 23.90 2.39 32.40
C LYS F 247 22.40 2.48 32.69
N LYS F 248 22.02 2.69 33.94
CA LYS F 248 20.60 2.81 34.27
C LYS F 248 19.98 3.98 33.53
N TRP F 249 20.71 5.08 33.47
CA TRP F 249 20.22 6.28 32.77
C TRP F 249 20.13 6.02 31.28
N ILE F 250 21.08 5.26 30.74
CA ILE F 250 21.06 4.94 29.32
C ILE F 250 19.80 4.12 29.01
N GLN F 251 19.56 3.09 29.80
CA GLN F 251 18.39 2.24 29.61
C GLN F 251 17.12 3.08 29.71
N LYS F 252 17.03 3.88 30.76
CA LYS F 252 15.87 4.73 31.01
C LYS F 252 15.54 5.62 29.80
N VAL F 253 16.56 6.21 29.20
CA VAL F 253 16.38 7.06 28.04
C VAL F 253 15.92 6.29 26.82
N ILE F 254 16.54 5.14 26.57
CA ILE F 254 16.21 4.32 25.43
C ILE F 254 14.75 3.88 25.38
N ASP F 255 14.21 3.35 26.47
CA ASP F 255 12.79 3.00 26.44
C ASP F 255 12.01 4.10 27.14
N GLN F 256 11.87 5.24 26.44
CA GLN F 256 11.17 6.41 26.93
C GLN F 256 9.88 6.06 27.67
N ASP G 5 10.92 -48.57 -6.88
CA ASP G 5 10.29 -47.27 -7.08
C ASP G 5 10.85 -46.23 -6.12
N PRO G 6 11.37 -45.11 -6.66
CA PRO G 6 11.94 -44.01 -5.86
C PRO G 6 10.95 -43.37 -4.88
N CYS G 7 9.67 -43.69 -5.04
CA CYS G 7 8.66 -43.10 -4.17
C CYS G 7 8.49 -43.74 -2.80
N PHE G 8 9.15 -44.86 -2.56
CA PHE G 8 9.05 -45.55 -1.27
C PHE G 8 9.45 -44.67 -0.09
N ARG G 9 10.67 -44.14 -0.14
CA ARG G 9 11.18 -43.28 0.92
C ARG G 9 10.86 -41.82 0.66
N ALA G 10 9.77 -41.56 -0.06
CA ALA G 10 9.37 -40.20 -0.35
C ALA G 10 8.28 -39.81 0.64
N ASN G 11 8.33 -38.56 1.10
CA ASN G 11 7.35 -38.06 2.07
C ASN G 11 6.39 -37.07 1.41
N CYS G 12 5.90 -37.43 0.22
CA CYS G 12 4.97 -36.56 -0.51
C CYS G 12 3.65 -36.34 0.21
N GLU G 13 3.33 -35.08 0.44
CA GLU G 13 2.11 -34.71 1.14
C GLU G 13 0.85 -35.20 0.41
N TYR G 14 0.84 -35.09 -0.92
CA TYR G 14 -0.32 -35.51 -1.71
C TYR G 14 -0.03 -36.78 -2.50
N GLN G 15 0.74 -36.65 -3.57
CA GLN G 15 1.08 -37.79 -4.41
C GLN G 15 2.53 -37.71 -4.87
N CYS G 16 3.10 -38.88 -5.18
CA CYS G 16 4.47 -38.93 -5.65
C CYS G 16 4.50 -39.37 -7.11
N GLN G 17 5.31 -38.69 -7.91
CA GLN G 17 5.44 -39.00 -9.32
C GLN G 17 6.83 -39.53 -9.66
N PRO G 18 6.91 -40.83 -9.97
CA PRO G 18 8.19 -41.46 -10.31
C PRO G 18 8.76 -40.81 -11.57
N LEU G 19 9.97 -40.28 -11.48
CA LEU G 19 10.59 -39.66 -12.66
C LEU G 19 11.32 -40.75 -13.44
N ASN G 20 12.13 -41.53 -12.73
CA ASN G 20 12.87 -42.64 -13.31
C ASN G 20 13.05 -43.67 -12.20
N GLN G 21 14.27 -44.20 -12.04
CA GLN G 21 14.50 -45.20 -11.00
C GLN G 21 15.23 -44.61 -9.79
N THR G 22 15.84 -43.45 -9.98
CA THR G 22 16.60 -42.82 -8.91
C THR G 22 16.00 -41.49 -8.46
N SER G 23 15.01 -40.98 -9.19
CA SER G 23 14.39 -39.71 -8.83
C SER G 23 12.86 -39.70 -8.96
N TYR G 24 12.26 -38.69 -8.35
CA TYR G 24 10.81 -38.53 -8.34
C TYR G 24 10.51 -37.06 -8.07
N LEU G 25 9.23 -36.72 -8.06
CA LEU G 25 8.82 -35.35 -7.79
C LEU G 25 7.44 -35.37 -7.14
N CYS G 26 7.33 -34.79 -5.96
CA CYS G 26 6.04 -34.73 -5.29
C CYS G 26 5.20 -33.77 -6.11
N VAL G 27 3.95 -34.12 -6.33
CA VAL G 27 3.06 -33.29 -7.11
C VAL G 27 1.82 -33.01 -6.26
N CYS G 28 0.94 -32.14 -6.75
CA CYS G 28 -0.25 -31.80 -5.97
C CYS G 28 -1.57 -31.94 -6.74
N ALA G 29 -2.67 -31.59 -6.07
CA ALA G 29 -3.99 -31.67 -6.69
C ALA G 29 -4.24 -30.40 -7.48
N GLU G 30 -5.21 -30.45 -8.38
CA GLU G 30 -5.54 -29.29 -9.20
C GLU G 30 -5.78 -28.07 -8.32
N GLY G 31 -5.06 -27.00 -8.62
CA GLY G 31 -5.19 -25.78 -7.84
C GLY G 31 -4.05 -25.57 -6.85
N PHE G 32 -3.31 -26.64 -6.55
CA PHE G 32 -2.20 -26.53 -5.61
C PHE G 32 -0.85 -26.75 -6.31
N ALA G 33 0.23 -26.56 -5.57
CA ALA G 33 1.58 -26.73 -6.10
C ALA G 33 2.59 -26.89 -4.96
N PRO G 34 3.78 -27.42 -5.27
CA PRO G 34 4.80 -27.61 -4.23
C PRO G 34 5.24 -26.31 -3.57
N ILE G 35 5.42 -26.34 -2.26
CA ILE G 35 5.88 -25.16 -1.55
C ILE G 35 7.37 -25.08 -1.89
N PRO G 36 7.86 -23.88 -2.22
CA PRO G 36 9.29 -23.74 -2.55
C PRO G 36 10.28 -24.28 -1.51
N HIS G 37 10.12 -23.87 -0.25
CA HIS G 37 11.01 -24.29 0.83
C HIS G 37 10.74 -25.70 1.41
N GLU G 38 9.62 -26.29 1.04
CA GLU G 38 9.27 -27.62 1.52
C GLU G 38 8.55 -28.35 0.37
N PRO G 39 9.29 -28.64 -0.71
CA PRO G 39 8.82 -29.34 -1.93
C PRO G 39 7.96 -30.57 -1.73
N HIS G 40 7.97 -31.14 -0.52
CA HIS G 40 7.16 -32.32 -0.24
C HIS G 40 5.75 -31.90 0.18
N ARG G 41 5.60 -30.62 0.48
CA ARG G 41 4.32 -30.04 0.92
C ARG G 41 3.61 -29.31 -0.22
N CYS G 42 2.28 -29.22 -0.12
CA CYS G 42 1.47 -28.54 -1.13
C CYS G 42 0.67 -27.36 -0.56
N GLN G 43 0.35 -26.39 -1.43
CA GLN G 43 -0.41 -25.20 -1.06
C GLN G 43 -1.11 -24.60 -2.30
N LEU G 44 -2.19 -23.86 -2.07
CA LEU G 44 -2.92 -23.23 -3.17
C LEU G 44 -1.96 -22.47 -4.05
N PHE G 45 -2.14 -22.60 -5.36
CA PHE G 45 -1.25 -21.93 -6.30
C PHE G 45 -2.00 -21.12 -7.33
N CYS G 46 -1.33 -20.07 -7.82
CA CYS G 46 -1.90 -19.19 -8.83
C CYS G 46 -0.84 -18.23 -9.35
N ASN G 47 -0.74 -18.16 -10.67
CA ASN G 47 0.20 -17.26 -11.33
C ASN G 47 -0.63 -16.46 -12.32
N GLN G 48 -1.91 -16.37 -12.02
CA GLN G 48 -2.85 -15.63 -12.85
C GLN G 48 -3.34 -14.48 -12.00
N THR G 49 -3.90 -13.45 -12.63
CA THR G 49 -4.41 -12.32 -11.87
C THR G 49 -5.57 -12.79 -10.99
N ALA G 50 -6.28 -13.81 -11.45
CA ALA G 50 -7.40 -14.34 -10.69
C ALA G 50 -7.52 -15.85 -10.83
N CYS G 51 -7.84 -16.51 -9.72
CA CYS G 51 -8.00 -17.95 -9.70
C CYS G 51 -9.20 -18.32 -8.82
N PRO G 52 -9.89 -19.42 -9.15
CA PRO G 52 -11.05 -19.86 -8.36
C PRO G 52 -10.63 -20.05 -6.90
N ALA G 53 -11.48 -19.65 -5.98
CA ALA G 53 -11.18 -19.81 -4.56
C ALA G 53 -11.42 -21.26 -4.19
N ASP G 54 -10.66 -21.76 -3.21
CA ASP G 54 -10.82 -23.14 -2.77
C ASP G 54 -11.76 -23.14 -1.57
N CYS G 55 -13.06 -23.12 -1.85
CA CYS G 55 -14.07 -23.08 -0.81
C CYS G 55 -14.53 -24.47 -0.40
N ASP G 56 -15.18 -24.55 0.76
CA ASP G 56 -15.70 -25.81 1.26
C ASP G 56 -16.92 -26.23 0.45
N PRO G 57 -16.94 -27.50 -0.01
CA PRO G 57 -18.04 -28.07 -0.80
C PRO G 57 -19.39 -28.18 -0.08
N ASN G 58 -19.33 -28.46 1.23
CA ASN G 58 -20.55 -28.59 2.02
C ASN G 58 -20.41 -27.84 3.34
N ALA G 61 -19.81 -22.61 2.54
CA ALA G 61 -18.59 -22.35 1.71
C ALA G 61 -17.67 -21.33 2.37
N SER G 62 -16.65 -21.82 3.06
CA SER G 62 -15.66 -20.95 3.70
C SER G 62 -14.42 -21.07 2.81
N CYS G 63 -14.16 -20.03 2.04
CA CYS G 63 -13.05 -20.02 1.09
C CYS G 63 -11.65 -19.69 1.58
N GLU G 64 -10.68 -20.21 0.83
CA GLU G 64 -9.26 -20.02 1.07
C GLU G 64 -8.63 -19.45 -0.21
N CYS G 65 -7.59 -18.63 -0.04
CA CYS G 65 -6.90 -18.05 -1.16
C CYS G 65 -5.41 -18.17 -0.92
N PRO G 66 -4.61 -18.23 -1.98
CA PRO G 66 -3.17 -18.35 -1.78
C PRO G 66 -2.63 -16.99 -1.34
N GLU G 67 -1.43 -17.00 -0.74
CA GLU G 67 -0.82 -15.76 -0.28
C GLU G 67 -0.75 -14.74 -1.41
N GLY G 68 -0.99 -13.48 -1.09
CA GLY G 68 -0.93 -12.45 -2.10
C GLY G 68 -2.23 -12.22 -2.84
N TYR G 69 -3.21 -13.07 -2.59
CA TYR G 69 -4.52 -12.93 -3.21
C TYR G 69 -5.58 -12.64 -2.16
N ILE G 70 -6.72 -12.13 -2.60
CA ILE G 70 -7.78 -11.81 -1.67
C ILE G 70 -9.12 -12.24 -2.22
N LEU G 71 -9.98 -12.75 -1.36
CA LEU G 71 -11.30 -13.21 -1.77
C LEU G 71 -12.03 -12.02 -2.38
N ASP G 72 -12.55 -12.24 -3.57
CA ASP G 72 -13.25 -11.21 -4.33
C ASP G 72 -14.62 -11.75 -4.71
N ASP G 73 -15.44 -10.96 -5.39
CA ASP G 73 -16.77 -11.40 -5.79
C ASP G 73 -16.73 -12.65 -6.66
N GLY G 74 -17.76 -13.47 -6.55
CA GLY G 74 -17.85 -14.69 -7.35
C GLY G 74 -16.97 -15.81 -6.85
N PHE G 75 -16.60 -15.75 -5.58
CA PHE G 75 -15.74 -16.75 -4.99
C PHE G 75 -14.50 -16.95 -5.85
N ILE G 76 -13.78 -15.85 -6.03
CA ILE G 76 -12.55 -15.84 -6.81
C ILE G 76 -11.46 -15.13 -6.03
N CYS G 77 -10.24 -15.64 -6.13
CA CYS G 77 -9.11 -15.03 -5.47
C CYS G 77 -8.45 -14.09 -6.46
N THR G 78 -8.50 -12.79 -6.17
CA THR G 78 -7.91 -11.79 -7.04
C THR G 78 -6.55 -11.38 -6.51
N ASP G 79 -5.58 -11.24 -7.41
CA ASP G 79 -4.25 -10.84 -6.98
C ASP G 79 -4.28 -9.49 -6.28
N ILE G 80 -3.52 -9.37 -5.20
CA ILE G 80 -3.44 -8.11 -4.49
C ILE G 80 -2.38 -7.29 -5.22
N ASP G 81 -2.73 -6.06 -5.59
CA ASP G 81 -1.75 -5.22 -6.27
C ASP G 81 -1.06 -4.36 -5.22
N GLU G 82 0.03 -4.89 -4.66
CA GLU G 82 0.78 -4.20 -3.63
C GLU G 82 1.36 -2.86 -4.05
N CYS G 83 1.55 -2.68 -5.35
CA CYS G 83 2.11 -1.44 -5.85
C CYS G 83 1.11 -0.30 -5.79
N GLU G 84 -0.09 -0.51 -6.33
CA GLU G 84 -1.11 0.53 -6.28
C GLU G 84 -1.61 0.70 -4.85
N ASN G 85 -1.56 -0.39 -4.09
CA ASN G 85 -2.01 -0.36 -2.69
C ASN G 85 -1.10 0.56 -1.88
N GLY G 86 0.20 0.36 -2.04
CA GLY G 86 1.18 1.15 -1.30
C GLY G 86 1.42 0.46 0.03
N GLY G 87 2.49 0.85 0.73
CA GLY G 87 2.77 0.24 2.02
C GLY G 87 3.55 -1.06 2.01
N PHE G 88 3.65 -1.68 0.84
CA PHE G 88 4.38 -2.95 0.74
C PHE G 88 5.81 -2.71 0.27
N CYS G 89 5.99 -1.66 -0.53
CA CYS G 89 7.28 -1.32 -1.10
C CYS G 89 7.55 0.17 -0.99
N SER G 90 8.79 0.50 -0.64
CA SER G 90 9.20 1.89 -0.46
C SER G 90 9.87 2.47 -1.69
N GLY G 91 10.23 1.61 -2.64
CA GLY G 91 10.89 2.09 -3.86
C GLY G 91 10.04 1.91 -5.10
N VAL G 92 10.66 1.52 -6.21
CA VAL G 92 9.93 1.30 -7.44
C VAL G 92 9.32 -0.09 -7.33
N CYS G 93 8.00 -0.15 -7.37
CA CYS G 93 7.28 -1.40 -7.22
C CYS G 93 6.65 -1.94 -8.50
N HIS G 94 6.88 -3.21 -8.77
CA HIS G 94 6.27 -3.85 -9.93
C HIS G 94 5.41 -4.96 -9.37
N ASN G 95 4.13 -4.97 -9.72
CA ASN G 95 3.20 -5.97 -9.21
C ASN G 95 3.26 -7.30 -9.94
N LEU G 96 3.22 -8.37 -9.15
CA LEU G 96 3.27 -9.73 -9.67
C LEU G 96 2.13 -10.55 -9.12
N PRO G 97 1.75 -11.62 -9.82
CA PRO G 97 0.65 -12.48 -9.35
C PRO G 97 1.07 -13.20 -8.08
N GLY G 98 0.38 -12.90 -6.98
CA GLY G 98 0.69 -13.54 -5.71
C GLY G 98 1.74 -12.87 -4.87
N THR G 99 2.45 -11.90 -5.46
CA THR G 99 3.49 -11.19 -4.73
C THR G 99 3.86 -9.90 -5.45
N PHE G 100 5.10 -9.46 -5.32
CA PHE G 100 5.56 -8.24 -5.98
C PHE G 100 7.06 -8.10 -5.94
N GLU G 101 7.58 -7.27 -6.82
CA GLU G 101 9.01 -7.00 -6.91
C GLU G 101 9.22 -5.55 -6.47
N CYS G 102 10.20 -5.34 -5.60
CA CYS G 102 10.49 -4.01 -5.07
C CYS G 102 11.95 -3.62 -5.28
N ILE G 103 12.17 -2.59 -6.09
CA ILE G 103 13.52 -2.11 -6.40
C ILE G 103 13.82 -0.78 -5.73
N CYS G 104 15.07 -0.60 -5.34
CA CYS G 104 15.48 0.63 -4.68
C CYS G 104 16.99 0.73 -4.59
N GLY G 105 17.49 1.71 -3.85
CA GLY G 105 18.92 1.89 -3.72
C GLY G 105 19.42 2.78 -4.83
N PRO G 106 20.71 3.17 -4.84
CA PRO G 106 21.20 4.02 -5.92
C PRO G 106 21.01 3.37 -7.28
N ASP G 107 20.54 4.14 -8.26
CA ASP G 107 20.31 3.62 -9.61
C ASP G 107 21.55 2.97 -10.22
N SER G 108 22.70 3.20 -9.58
CA SER G 108 23.97 2.67 -10.04
C SER G 108 24.19 1.24 -9.55
N ALA G 109 23.71 0.96 -8.34
CA ALA G 109 23.84 -0.35 -7.74
C ALA G 109 22.49 -0.77 -7.18
N LEU G 110 21.49 -0.85 -8.05
CA LEU G 110 20.14 -1.23 -7.64
C LEU G 110 20.08 -2.56 -6.91
N ALA G 111 19.16 -2.64 -5.95
CA ALA G 111 18.94 -3.85 -5.16
C ALA G 111 17.47 -4.23 -5.35
N GLY G 112 17.21 -5.52 -5.52
CA GLY G 112 15.84 -5.98 -5.73
C GLY G 112 15.33 -7.01 -4.74
N GLN G 113 14.04 -6.96 -4.44
CA GLN G 113 13.42 -7.89 -3.52
C GLN G 113 12.09 -8.39 -4.08
N ILE G 114 11.68 -9.56 -3.63
CA ILE G 114 10.42 -10.14 -4.07
C ILE G 114 9.62 -10.52 -2.83
N GLY G 115 8.46 -9.90 -2.67
CA GLY G 115 7.62 -10.20 -1.53
C GLY G 115 7.93 -9.38 -0.28
N THR G 116 9.04 -8.66 -0.30
CA THR G 116 9.42 -7.85 0.85
C THR G 116 9.88 -6.46 0.45
N ASP G 117 9.80 -5.51 1.38
CA ASP G 117 10.23 -4.15 1.09
C ASP G 117 11.73 -4.19 0.78
N CYS G 118 12.22 -3.14 0.15
CA CYS G 118 13.62 -3.04 -0.24
C CYS G 118 14.48 -2.20 0.71
N ASP G 119 15.75 -2.63 0.89
CA ASP G 119 16.80 -1.98 1.73
C ASP G 119 16.86 -2.24 3.23
N VAL H 4 -13.44 48.83 -21.18
CA VAL H 4 -12.66 47.70 -21.66
C VAL H 4 -12.64 46.56 -20.65
N ASP H 5 -13.57 45.61 -20.83
CA ASP H 5 -13.65 44.43 -19.97
C ASP H 5 -12.67 43.48 -20.64
N PRO H 6 -11.52 43.23 -20.00
CA PRO H 6 -10.50 42.34 -20.56
C PRO H 6 -11.14 41.13 -21.22
N CYS H 7 -12.35 40.79 -20.79
CA CYS H 7 -13.08 39.65 -21.31
C CYS H 7 -13.93 39.93 -22.54
N PHE H 8 -14.06 41.19 -22.89
CA PHE H 8 -14.85 41.56 -24.05
C PHE H 8 -14.12 41.15 -25.32
N ARG H 9 -12.89 41.63 -25.48
CA ARG H 9 -12.09 41.32 -26.65
C ARG H 9 -11.31 40.01 -26.51
N ALA H 10 -11.79 39.15 -25.62
CA ALA H 10 -11.15 37.85 -25.39
C ALA H 10 -12.06 36.81 -26.04
N ASN H 11 -11.46 35.86 -26.74
CA ASN H 11 -12.21 34.81 -27.41
C ASN H 11 -12.16 33.52 -26.61
N CYS H 12 -12.47 33.58 -25.32
CA CYS H 12 -12.44 32.41 -24.47
C CYS H 12 -13.48 31.36 -24.87
N GLU H 13 -13.00 30.18 -25.21
CA GLU H 13 -13.83 29.06 -25.64
C GLU H 13 -14.93 28.73 -24.62
N TYR H 14 -14.58 28.68 -23.34
CA TYR H 14 -15.53 28.35 -22.28
C TYR H 14 -15.97 29.58 -21.50
N GLN H 15 -15.14 29.98 -20.54
CA GLN H 15 -15.40 31.13 -19.70
C GLN H 15 -14.19 32.05 -19.64
N CYS H 16 -14.40 33.27 -19.18
CA CYS H 16 -13.33 34.24 -19.07
C CYS H 16 -13.31 34.75 -17.64
N GLN H 17 -12.13 34.77 -17.05
CA GLN H 17 -11.98 35.25 -15.69
C GLN H 17 -11.14 36.51 -15.65
N PRO H 18 -11.79 37.66 -15.44
CA PRO H 18 -11.04 38.91 -15.38
C PRO H 18 -10.07 38.88 -14.20
N LEU H 19 -8.85 39.37 -14.41
CA LEU H 19 -7.86 39.38 -13.35
C LEU H 19 -7.64 40.79 -12.84
N ASN H 20 -7.81 41.77 -13.73
CA ASN H 20 -7.67 43.17 -13.41
C ASN H 20 -8.19 43.97 -14.60
N GLN H 21 -7.74 45.21 -14.75
CA GLN H 21 -8.21 46.05 -15.85
C GLN H 21 -7.48 45.86 -17.18
N THR H 22 -6.34 45.17 -17.16
CA THR H 22 -5.58 44.96 -18.38
C THR H 22 -5.30 43.49 -18.70
N SER H 23 -5.80 42.60 -17.85
CA SER H 23 -5.57 41.18 -18.08
C SER H 23 -6.71 40.29 -17.66
N TYR H 24 -6.70 39.06 -18.19
CA TYR H 24 -7.72 38.07 -17.90
C TYR H 24 -7.11 36.68 -18.00
N LEU H 25 -7.95 35.67 -17.88
CA LEU H 25 -7.48 34.30 -17.96
C LEU H 25 -8.63 33.40 -18.38
N CYS H 26 -8.55 32.86 -19.59
CA CYS H 26 -9.60 31.97 -20.07
C CYS H 26 -9.54 30.71 -19.20
N VAL H 27 -10.67 30.37 -18.59
CA VAL H 27 -10.75 29.20 -17.73
C VAL H 27 -11.66 28.16 -18.38
N CYS H 28 -11.59 26.92 -17.91
CA CYS H 28 -12.38 25.85 -18.48
C CYS H 28 -13.32 25.21 -17.47
N ALA H 29 -14.12 24.28 -17.96
CA ALA H 29 -15.06 23.56 -17.11
C ALA H 29 -14.33 22.52 -16.29
N GLU H 30 -14.90 22.12 -15.16
CA GLU H 30 -14.30 21.13 -14.29
C GLU H 30 -13.82 19.91 -15.07
N GLY H 31 -12.50 19.70 -15.09
CA GLY H 31 -11.96 18.57 -15.81
C GLY H 31 -11.18 18.98 -17.06
N PHE H 32 -11.38 20.20 -17.51
CA PHE H 32 -10.69 20.70 -18.69
C PHE H 32 -9.61 21.69 -18.28
N ALA H 33 -8.80 22.12 -19.25
CA ALA H 33 -7.73 23.07 -18.98
C ALA H 33 -7.29 23.72 -20.28
N PRO H 34 -6.73 24.93 -20.20
CA PRO H 34 -6.29 25.63 -21.41
C PRO H 34 -5.24 24.80 -22.14
N ILE H 35 -5.28 24.86 -23.46
CA ILE H 35 -4.33 24.14 -24.29
C ILE H 35 -3.04 24.95 -24.36
N PRO H 36 -1.89 24.30 -24.08
CA PRO H 36 -0.57 24.92 -24.09
C PRO H 36 -0.35 26.11 -25.03
N HIS H 37 -0.46 25.88 -26.33
CA HIS H 37 -0.25 26.97 -27.28
C HIS H 37 -1.54 27.58 -27.82
N GLU H 38 -2.65 27.25 -27.16
CA GLU H 38 -3.98 27.76 -27.54
C GLU H 38 -4.78 27.95 -26.25
N PRO H 39 -4.27 28.80 -25.34
CA PRO H 39 -4.89 29.10 -24.04
C PRO H 39 -6.36 29.49 -24.04
N HIS H 40 -6.82 30.10 -25.13
CA HIS H 40 -8.22 30.50 -25.21
C HIS H 40 -9.11 29.29 -25.47
N ARG H 41 -8.49 28.16 -25.82
CA ARG H 41 -9.23 26.94 -26.08
C ARG H 41 -9.02 25.93 -24.98
N CYS H 42 -10.00 25.08 -24.75
CA CYS H 42 -9.95 24.09 -23.70
C CYS H 42 -9.88 22.65 -24.19
N GLN H 43 -9.11 21.84 -23.48
CA GLN H 43 -8.96 20.42 -23.81
C GLN H 43 -8.89 19.66 -22.47
N LEU H 44 -9.45 18.46 -22.44
CA LEU H 44 -9.43 17.65 -21.23
C LEU H 44 -8.07 17.68 -20.54
N PHE H 45 -8.11 17.73 -19.21
CA PHE H 45 -6.91 17.74 -18.39
C PHE H 45 -6.61 16.30 -17.97
N CYS H 46 -5.36 16.04 -17.59
CA CYS H 46 -4.89 14.73 -17.16
C CYS H 46 -4.50 13.84 -18.33
N ASN H 47 -3.19 13.62 -18.46
CA ASN H 47 -2.65 12.77 -19.51
C ASN H 47 -1.87 11.64 -18.88
N GLN H 48 -2.26 11.25 -17.67
CA GLN H 48 -1.60 10.17 -16.95
C GLN H 48 -2.21 8.84 -17.39
N THR H 49 -1.61 7.73 -17.01
CA THR H 49 -2.13 6.42 -17.40
C THR H 49 -3.50 6.19 -16.80
N ALA H 50 -3.83 6.97 -15.77
CA ALA H 50 -5.13 6.86 -15.11
C ALA H 50 -5.70 8.23 -14.77
N CYS H 51 -6.93 8.49 -15.19
CA CYS H 51 -7.58 9.75 -14.92
C CYS H 51 -8.91 9.54 -14.24
N PRO H 52 -9.37 10.54 -13.45
CA PRO H 52 -10.64 10.40 -12.76
C PRO H 52 -11.74 10.39 -13.81
N ALA H 53 -12.72 9.51 -13.66
CA ALA H 53 -13.81 9.44 -14.61
C ALA H 53 -14.72 10.64 -14.41
N ASP H 54 -15.47 11.01 -15.44
CA ASP H 54 -16.39 12.13 -15.35
C ASP H 54 -17.81 11.59 -15.25
N CYS H 55 -18.15 11.09 -14.08
CA CYS H 55 -19.49 10.55 -13.85
C CYS H 55 -20.45 11.67 -13.47
N ASP H 56 -21.73 11.49 -13.79
CA ASP H 56 -22.76 12.47 -13.48
C ASP H 56 -23.61 12.00 -12.30
N PRO H 57 -23.46 12.66 -11.13
CA PRO H 57 -24.18 12.34 -9.90
C PRO H 57 -25.66 11.96 -10.08
N ALA H 61 -23.40 7.53 -11.42
CA ALA H 61 -24.16 7.17 -12.65
C ALA H 61 -23.25 7.12 -13.89
N SER H 62 -23.84 7.36 -15.05
CA SER H 62 -23.13 7.32 -16.33
C SER H 62 -21.80 8.04 -16.36
N CYS H 63 -20.71 7.28 -16.42
CA CYS H 63 -19.37 7.85 -16.45
C CYS H 63 -18.83 7.96 -17.86
N GLU H 64 -17.97 8.94 -18.08
CA GLU H 64 -17.36 9.15 -19.40
C GLU H 64 -15.86 9.01 -19.29
N CYS H 65 -15.22 8.60 -20.38
CA CYS H 65 -13.77 8.46 -20.40
C CYS H 65 -13.25 8.99 -21.72
N PRO H 66 -12.09 9.63 -21.71
CA PRO H 66 -11.58 10.14 -22.98
C PRO H 66 -11.22 8.96 -23.86
N GLU H 67 -11.17 9.18 -25.17
CA GLU H 67 -10.82 8.12 -26.10
C GLU H 67 -9.45 7.55 -25.74
N GLY H 68 -9.30 6.24 -25.87
CA GLY H 68 -8.02 5.62 -25.55
C GLY H 68 -7.98 5.13 -24.11
N TYR H 69 -9.02 5.44 -23.35
CA TYR H 69 -9.11 5.01 -21.96
C TYR H 69 -10.35 4.13 -21.82
N ILE H 70 -10.44 3.40 -20.71
CA ILE H 70 -11.58 2.55 -20.48
C ILE H 70 -11.94 2.61 -19.00
N LEU H 71 -13.22 2.78 -18.70
CA LEU H 71 -13.70 2.85 -17.33
C LEU H 71 -13.20 1.64 -16.55
N ASP H 72 -12.67 1.87 -15.36
CA ASP H 72 -12.13 0.81 -14.52
C ASP H 72 -12.70 0.93 -13.13
N ASP H 73 -12.44 -0.07 -12.30
CA ASP H 73 -12.90 -0.09 -10.91
C ASP H 73 -12.50 1.18 -10.20
N GLY H 74 -13.44 1.75 -9.46
CA GLY H 74 -13.12 2.95 -8.70
C GLY H 74 -13.24 4.30 -9.37
N PHE H 75 -14.21 4.44 -10.26
CA PHE H 75 -14.44 5.71 -10.94
C PHE H 75 -13.20 6.27 -11.63
N ILE H 76 -12.36 5.42 -12.20
CA ILE H 76 -11.19 5.92 -12.89
C ILE H 76 -11.18 5.39 -14.32
N CYS H 77 -10.47 6.09 -15.19
CA CYS H 77 -10.35 5.67 -16.57
C CYS H 77 -8.89 5.20 -16.69
N THR H 78 -8.69 3.97 -17.15
CA THR H 78 -7.35 3.44 -17.29
C THR H 78 -6.96 3.41 -18.76
N ASP H 79 -5.70 3.76 -19.05
CA ASP H 79 -5.23 3.75 -20.42
C ASP H 79 -5.16 2.37 -21.04
N ILE H 80 -5.72 2.24 -22.23
CA ILE H 80 -5.69 0.99 -22.95
C ILE H 80 -4.33 0.92 -23.61
N ASP H 81 -3.55 -0.12 -23.29
CA ASP H 81 -2.24 -0.26 -23.91
C ASP H 81 -2.44 -1.03 -25.20
N GLU H 82 -2.67 -0.29 -26.28
CA GLU H 82 -2.90 -0.88 -27.59
C GLU H 82 -1.75 -1.72 -28.10
N CYS H 83 -0.54 -1.48 -27.59
CA CYS H 83 0.62 -2.26 -28.02
C CYS H 83 0.58 -3.66 -27.43
N GLU H 84 0.49 -3.73 -26.11
CA GLU H 84 0.42 -5.00 -25.40
C GLU H 84 -0.86 -5.75 -25.74
N ASN H 85 -1.92 -4.99 -26.06
CA ASN H 85 -3.20 -5.59 -26.40
C ASN H 85 -3.14 -6.19 -27.81
N GLY H 86 -2.53 -5.46 -28.74
CA GLY H 86 -2.44 -5.92 -30.10
C GLY H 86 -3.71 -5.62 -30.87
N GLY H 87 -3.63 -5.59 -32.19
CA GLY H 87 -4.81 -5.32 -33.01
C GLY H 87 -5.02 -3.86 -33.38
N PHE H 88 -4.13 -2.99 -32.92
CA PHE H 88 -4.24 -1.56 -33.19
C PHE H 88 -3.17 -1.09 -34.16
N CYS H 89 -1.97 -1.66 -34.05
CA CYS H 89 -0.86 -1.30 -34.91
C CYS H 89 -0.15 -2.51 -35.49
N SER H 90 0.01 -2.50 -36.81
CA SER H 90 0.68 -3.58 -37.54
C SER H 90 2.20 -3.46 -37.49
N GLY H 91 2.70 -2.25 -37.23
CA GLY H 91 4.13 -2.05 -37.17
C GLY H 91 4.66 -2.05 -35.76
N VAL H 92 5.75 -1.32 -35.53
CA VAL H 92 6.32 -1.22 -34.20
C VAL H 92 5.37 -0.28 -33.48
N CYS H 93 4.97 -0.66 -32.28
CA CYS H 93 4.03 0.13 -31.52
C CYS H 93 4.64 0.69 -30.23
N HIS H 94 4.27 1.93 -29.93
CA HIS H 94 4.73 2.63 -28.74
C HIS H 94 3.49 3.16 -28.04
N ASN H 95 3.21 2.65 -26.86
CA ASN H 95 2.02 3.06 -26.11
C ASN H 95 2.09 4.43 -25.49
N LEU H 96 1.00 5.19 -25.62
CA LEU H 96 0.90 6.52 -25.05
C LEU H 96 -0.38 6.62 -24.22
N PRO H 97 -0.46 7.60 -23.30
CA PRO H 97 -1.66 7.76 -22.47
C PRO H 97 -2.80 8.36 -23.29
N GLY H 98 -3.75 7.52 -23.67
CA GLY H 98 -4.88 8.02 -24.44
C GLY H 98 -4.76 7.61 -25.90
N THR H 99 -3.55 7.31 -26.32
CA THR H 99 -3.35 6.93 -27.71
C THR H 99 -2.13 6.01 -27.85
N PHE H 100 -1.47 6.10 -28.99
CA PHE H 100 -0.30 5.28 -29.25
C PHE H 100 0.37 5.71 -30.54
N GLU H 101 1.66 5.41 -30.66
CA GLU H 101 2.40 5.75 -31.87
C GLU H 101 2.58 4.45 -32.65
N CYS H 102 2.29 4.51 -33.94
CA CYS H 102 2.41 3.34 -34.79
C CYS H 102 3.38 3.66 -35.92
N ILE H 103 4.61 3.20 -35.79
CA ILE H 103 5.62 3.47 -36.81
C ILE H 103 5.72 2.39 -37.88
N CYS H 104 5.23 2.72 -39.06
CA CYS H 104 5.23 1.81 -40.20
C CYS H 104 6.45 2.12 -41.06
N GLY H 105 6.46 1.58 -42.28
CA GLY H 105 7.57 1.82 -43.18
C GLY H 105 8.80 0.97 -42.92
N PRO H 106 9.76 0.94 -43.86
CA PRO H 106 10.99 0.15 -43.72
C PRO H 106 11.88 0.65 -42.58
N ASP H 107 12.71 -0.23 -42.03
CA ASP H 107 13.60 0.17 -40.94
C ASP H 107 14.69 1.07 -41.54
N SER H 108 14.37 1.69 -42.67
CA SER H 108 15.32 2.56 -43.35
C SER H 108 14.66 3.88 -43.75
N ALA H 109 13.34 3.91 -43.68
CA ALA H 109 12.58 5.10 -44.03
C ALA H 109 11.25 5.07 -43.29
N LEU H 110 11.32 4.84 -41.98
CA LEU H 110 10.14 4.78 -41.12
C LEU H 110 9.49 6.13 -40.89
N ALA H 111 8.17 6.12 -40.73
CA ALA H 111 7.39 7.32 -40.49
C ALA H 111 5.95 6.92 -40.21
N GLY H 112 5.58 6.88 -38.94
CA GLY H 112 4.24 6.49 -38.58
C GLY H 112 3.34 7.63 -38.14
N GLN H 113 2.12 7.27 -37.75
CA GLN H 113 1.14 8.25 -37.30
C GLN H 113 0.74 7.98 -35.85
N ILE H 114 -0.13 8.82 -35.32
CA ILE H 114 -0.59 8.66 -33.96
C ILE H 114 -2.06 8.31 -33.92
N GLY H 115 -2.39 7.28 -33.15
CA GLY H 115 -3.76 6.86 -32.99
C GLY H 115 -4.35 5.97 -34.06
N THR H 116 -3.60 5.68 -35.12
CA THR H 116 -4.14 4.81 -36.15
C THR H 116 -3.11 3.82 -36.63
N ASP H 117 -3.59 2.77 -37.28
CA ASP H 117 -2.68 1.76 -37.78
C ASP H 117 -1.99 2.34 -39.01
N CYS H 118 -1.62 1.47 -39.97
CA CYS H 118 -0.95 1.89 -41.22
C CYS H 118 -1.81 1.93 -42.52
N ASP H 119 -2.82 1.08 -42.59
CA ASP H 119 -3.89 1.05 -43.63
C ASP H 119 -4.66 -0.28 -43.65
N PRO I 6 24.80 55.59 -8.33
CA PRO I 6 23.51 54.93 -8.14
C PRO I 6 23.58 53.94 -7.00
N CYS I 7 24.80 53.67 -6.53
CA CYS I 7 25.03 52.74 -5.43
C CYS I 7 24.91 53.35 -4.04
N PHE I 8 24.62 54.65 -3.97
CA PHE I 8 24.48 55.33 -2.69
C PHE I 8 23.30 54.79 -1.88
N ARG I 9 22.12 54.80 -2.48
CA ARG I 9 20.91 54.32 -1.82
C ARG I 9 20.68 52.83 -2.07
N ALA I 10 21.74 52.12 -2.41
CA ALA I 10 21.66 50.69 -2.66
C ALA I 10 22.18 49.93 -1.42
N ASN I 11 21.52 48.82 -1.10
CA ASN I 11 21.91 48.03 0.06
C ASN I 11 22.45 46.66 -0.32
N CYS I 12 23.41 46.62 -1.24
CA CYS I 12 24.00 45.36 -1.68
C CYS I 12 24.88 44.78 -0.57
N GLU I 13 24.56 43.56 -0.14
CA GLU I 13 25.32 42.92 0.92
C GLU I 13 26.82 42.82 0.64
N TYR I 14 27.20 42.18 -0.46
CA TYR I 14 28.62 42.06 -0.77
C TYR I 14 29.20 43.30 -1.47
N GLN I 15 28.79 43.54 -2.71
CA GLN I 15 29.29 44.70 -3.44
C GLN I 15 28.26 45.23 -4.43
N CYS I 16 28.30 46.54 -4.67
CA CYS I 16 27.38 47.17 -5.60
C CYS I 16 28.16 47.65 -6.81
N GLN I 17 27.64 47.34 -7.99
CA GLN I 17 28.32 47.73 -9.22
C GLN I 17 27.38 48.59 -10.08
N PRO I 18 27.72 49.87 -10.26
CA PRO I 18 26.89 50.77 -11.08
C PRO I 18 27.04 50.39 -12.54
N LEU I 19 25.93 50.37 -13.25
CA LEU I 19 25.92 50.00 -14.66
C LEU I 19 25.95 51.26 -15.51
N ASN I 20 25.25 52.29 -15.03
CA ASN I 20 25.19 53.57 -15.70
C ASN I 20 24.78 54.62 -14.67
N GLN I 21 24.01 55.60 -15.10
CA GLN I 21 23.58 56.67 -14.19
C GLN I 21 22.34 56.33 -13.38
N THR I 22 21.40 55.60 -13.97
CA THR I 22 20.15 55.27 -13.29
C THR I 22 20.04 53.85 -12.72
N SER I 23 20.88 52.93 -13.19
CA SER I 23 20.82 51.55 -12.71
C SER I 23 22.10 51.01 -12.09
N TYR I 24 21.94 50.08 -11.16
CA TYR I 24 23.07 49.44 -10.48
C TYR I 24 22.75 47.96 -10.38
N LEU I 25 23.74 47.16 -9.98
CA LEU I 25 23.56 45.73 -9.86
C LEU I 25 24.30 45.19 -8.63
N CYS I 26 23.60 44.40 -7.81
CA CYS I 26 24.21 43.81 -6.63
C CYS I 26 24.98 42.56 -7.06
N VAL I 27 26.26 42.52 -6.72
CA VAL I 27 27.13 41.40 -7.08
C VAL I 27 27.64 40.67 -5.84
N CYS I 28 28.01 39.40 -6.02
CA CYS I 28 28.52 38.59 -4.92
C CYS I 28 29.96 38.14 -5.19
N ALA I 29 30.59 37.58 -4.16
CA ALA I 29 31.95 37.11 -4.28
C ALA I 29 31.95 35.83 -5.11
N GLU I 30 33.13 35.41 -5.56
CA GLU I 30 33.24 34.20 -6.35
C GLU I 30 32.91 33.00 -5.46
N GLY I 31 31.89 32.25 -5.87
CA GLY I 31 31.47 31.09 -5.11
C GLY I 31 30.08 31.33 -4.55
N PHE I 32 29.63 32.58 -4.63
CA PHE I 32 28.31 32.97 -4.15
C PHE I 32 27.36 33.34 -5.29
N ALA I 33 26.06 33.25 -5.00
CA ALA I 33 25.02 33.59 -5.96
C ALA I 33 23.91 34.27 -5.18
N PRO I 34 23.24 35.25 -5.80
CA PRO I 34 22.16 35.99 -5.15
C PRO I 34 21.04 35.10 -4.60
N ILE I 35 20.25 35.65 -3.69
CA ILE I 35 19.14 34.92 -3.08
C ILE I 35 17.82 35.52 -3.58
N PRO I 36 16.90 34.64 -4.02
CA PRO I 36 15.58 35.08 -4.52
C PRO I 36 14.68 35.61 -3.41
N PRO I 39 17.69 39.68 -4.69
CA PRO I 39 19.14 39.63 -4.39
C PRO I 39 19.57 40.64 -3.32
N HIS I 40 20.62 41.40 -3.62
CA HIS I 40 21.17 42.38 -2.69
C HIS I 40 21.59 41.62 -1.44
N ARG I 41 21.47 40.29 -1.54
CA ARG I 41 21.83 39.35 -0.48
C ARG I 41 22.47 38.15 -1.17
N CYS I 42 23.52 37.61 -0.57
CA CYS I 42 24.22 36.46 -1.15
C CYS I 42 24.21 35.24 -0.24
N GLN I 43 24.81 34.15 -0.73
CA GLN I 43 24.93 32.89 0.00
C GLN I 43 25.81 31.94 -0.81
N LEU I 44 26.75 31.29 -0.15
CA LEU I 44 27.66 30.36 -0.84
C LEU I 44 26.88 29.41 -1.74
N PHE I 45 27.37 29.25 -2.96
CA PHE I 45 26.69 28.41 -3.93
C PHE I 45 27.63 27.45 -4.63
N CYS I 46 27.06 26.39 -5.19
CA CYS I 46 27.81 25.38 -5.92
C CYS I 46 26.85 24.34 -6.52
N ASN I 47 27.14 23.93 -7.76
CA ASN I 47 26.32 22.93 -8.45
C ASN I 47 27.19 21.99 -9.26
N GLN I 48 28.46 21.90 -8.87
CA GLN I 48 29.42 21.00 -9.54
C GLN I 48 29.68 19.85 -8.58
N THR I 49 30.54 18.92 -8.99
CA THR I 49 30.88 17.80 -8.13
C THR I 49 31.67 18.33 -6.95
N ALA I 50 32.46 19.37 -7.18
CA ALA I 50 33.27 19.96 -6.14
C ALA I 50 33.61 21.42 -6.41
N CYS I 51 33.54 22.23 -5.36
CA CYS I 51 33.87 23.65 -5.45
C CYS I 51 34.86 23.97 -4.34
N PRO I 52 35.56 25.11 -4.44
CA PRO I 52 36.51 25.46 -3.39
C PRO I 52 35.73 25.83 -2.13
N ALA I 53 36.27 25.47 -0.97
CA ALA I 53 35.61 25.78 0.28
C ALA I 53 35.82 27.25 0.65
N ASP I 54 34.79 27.88 1.19
CA ASP I 54 34.89 29.28 1.59
C ASP I 54 35.47 29.37 2.98
N CYS I 55 36.79 29.44 3.06
CA CYS I 55 37.47 29.52 4.34
C CYS I 55 37.85 30.96 4.69
N ASP I 56 37.97 31.22 5.99
CA ASP I 56 38.34 32.54 6.48
C ASP I 56 39.77 32.88 6.06
N PRO I 57 39.93 33.91 5.23
CA PRO I 57 41.23 34.36 4.71
C PRO I 57 42.28 34.58 5.81
N ASN I 58 41.83 34.65 7.06
CA ASN I 58 42.73 34.84 8.19
C ASN I 58 43.13 33.54 8.88
N THR I 59 42.22 32.57 8.92
CA THR I 59 42.48 31.29 9.57
C THR I 59 42.80 30.15 8.62
N GLN I 60 42.17 30.15 7.44
CA GLN I 60 42.37 29.10 6.43
C GLN I 60 41.85 27.75 6.92
N ALA I 61 41.47 27.68 8.20
CA ALA I 61 40.95 26.46 8.77
C ALA I 61 39.43 26.49 8.88
N SER I 62 38.89 27.63 9.31
CA SER I 62 37.45 27.79 9.45
C SER I 62 36.80 27.88 8.08
N CYS I 63 36.28 26.77 7.58
CA CYS I 63 35.65 26.74 6.27
C CYS I 63 34.15 26.50 6.29
N GLU I 64 33.51 26.84 5.18
CA GLU I 64 32.08 26.67 5.03
C GLU I 64 31.80 26.00 3.69
N CYS I 65 30.67 25.33 3.60
CA CYS I 65 30.26 24.66 2.36
C CYS I 65 28.77 24.83 2.15
N PRO I 66 28.34 24.91 0.90
CA PRO I 66 26.91 25.06 0.62
C PRO I 66 26.20 23.81 1.13
N GLU I 67 24.91 23.94 1.45
CA GLU I 67 24.16 22.80 1.95
C GLU I 67 24.18 21.70 0.90
N GLY I 68 24.31 20.46 1.35
CA GLY I 68 24.35 19.34 0.43
C GLY I 68 25.79 19.00 0.10
N TYR I 69 26.72 19.76 0.66
CA TYR I 69 28.14 19.54 0.42
C TYR I 69 28.90 19.31 1.73
N ILE I 70 30.07 18.69 1.65
CA ILE I 70 30.87 18.43 2.83
C ILE I 70 32.35 18.68 2.56
N LEU I 71 33.04 19.28 3.52
CA LEU I 71 34.46 19.58 3.39
C LEU I 71 35.24 18.30 3.08
N ASP I 72 36.19 18.40 2.16
CA ASP I 72 36.99 17.25 1.75
C ASP I 72 38.48 17.63 1.68
N ASP I 73 39.33 16.64 1.40
CA ASP I 73 40.78 16.86 1.30
C ASP I 73 41.11 18.02 0.38
N GLY I 74 42.01 18.89 0.86
CA GLY I 74 42.41 20.04 0.07
C GLY I 74 41.46 21.21 0.21
N PHE I 75 40.76 21.26 1.34
CA PHE I 75 39.81 22.34 1.61
C PHE I 75 38.85 22.53 0.44
N ILE I 76 38.33 21.41 -0.07
CA ILE I 76 37.39 21.41 -1.18
C ILE I 76 36.04 20.88 -0.75
N CYS I 77 34.96 21.58 -1.08
CA CYS I 77 33.62 21.11 -0.73
C CYS I 77 33.21 20.10 -1.78
N THR I 78 33.04 18.85 -1.38
CA THR I 78 32.63 17.79 -2.29
C THR I 78 31.16 17.46 -2.14
N ASP I 79 30.51 17.13 -3.25
CA ASP I 79 29.09 16.78 -3.22
C ASP I 79 28.83 15.51 -2.42
N ILE I 80 27.93 15.61 -1.46
CA ILE I 80 27.57 14.47 -0.65
C ILE I 80 26.76 13.53 -1.54
N ASP I 81 27.12 12.25 -1.52
CA ASP I 81 26.40 11.26 -2.34
C ASP I 81 25.33 10.59 -1.46
N GLU I 82 24.18 11.24 -1.36
CA GLU I 82 23.06 10.75 -0.55
C GLU I 82 22.60 9.35 -0.95
N CYS I 83 22.83 8.98 -2.19
CA CYS I 83 22.43 7.67 -2.66
C CYS I 83 23.32 6.59 -2.06
N GLU I 84 24.63 6.73 -2.22
CA GLU I 84 25.57 5.75 -1.68
C GLU I 84 25.50 5.75 -0.15
N ASN I 85 25.18 6.90 0.41
CA ASN I 85 25.10 7.05 1.85
C ASN I 85 23.92 6.32 2.48
N GLY I 86 22.79 6.30 1.78
CA GLY I 86 21.62 5.64 2.30
C GLY I 86 20.94 6.55 3.30
N GLY I 87 19.72 6.21 3.70
CA GLY I 87 18.99 7.02 4.67
C GLY I 87 18.24 8.21 4.10
N PHE I 88 18.74 8.77 3.00
CA PHE I 88 18.09 9.93 2.39
C PHE I 88 16.89 9.54 1.52
N CYS I 89 17.08 8.51 0.70
CA CYS I 89 16.04 8.05 -0.22
C CYS I 89 15.69 6.58 0.00
N SER I 90 14.40 6.28 0.07
CA SER I 90 13.94 4.89 0.28
C SER I 90 13.62 4.19 -1.03
N GLY I 91 13.71 4.94 -2.13
CA GLY I 91 13.44 4.36 -3.43
C GLY I 91 14.69 4.33 -4.28
N VAL I 92 14.52 4.54 -5.58
CA VAL I 92 15.65 4.56 -6.50
C VAL I 92 16.20 5.97 -6.43
N CYS I 93 17.44 6.08 -6.01
CA CYS I 93 18.10 7.36 -5.83
C CYS I 93 19.14 7.71 -6.89
N HIS I 94 19.09 8.94 -7.35
CA HIS I 94 20.04 9.45 -8.33
C HIS I 94 20.71 10.66 -7.69
N ASN I 95 22.02 10.57 -7.44
CA ASN I 95 22.75 11.67 -6.82
C ASN I 95 22.92 12.88 -7.71
N LEU I 96 22.72 14.05 -7.12
CA LEU I 96 22.86 15.32 -7.82
C LEU I 96 23.82 16.21 -7.03
N PRO I 97 24.31 17.28 -7.69
CA PRO I 97 25.24 18.20 -7.02
C PRO I 97 24.46 19.06 -6.01
N GLY I 98 24.75 18.87 -4.73
CA GLY I 98 24.07 19.62 -3.70
C GLY I 98 22.72 19.06 -3.31
N THR I 99 22.28 18.02 -4.01
CA THR I 99 20.98 17.42 -3.71
C THR I 99 20.89 16.02 -4.30
N PHE I 100 19.68 15.49 -4.35
CA PHE I 100 19.46 14.16 -4.93
C PHE I 100 18.04 14.02 -5.44
N GLU I 101 17.85 12.98 -6.25
CA GLU I 101 16.57 12.66 -6.86
C GLU I 101 16.13 11.32 -6.25
N CYS I 102 14.90 11.26 -5.74
CA CYS I 102 14.38 10.04 -5.13
C CYS I 102 13.11 9.56 -5.84
N ILE I 103 13.17 8.34 -6.41
CA ILE I 103 12.02 7.77 -7.12
C ILE I 103 11.34 6.68 -6.30
N CYS I 104 10.03 6.81 -6.13
CA CYS I 104 9.22 5.90 -5.35
C CYS I 104 7.91 5.65 -6.13
N GLY I 105 7.16 4.63 -5.74
CA GLY I 105 5.87 4.38 -6.39
C GLY I 105 5.72 3.23 -7.36
N PRO I 106 4.51 3.04 -7.91
CA PRO I 106 4.22 1.98 -8.87
C PRO I 106 4.98 2.31 -10.15
N ASP I 107 5.68 1.33 -10.72
CA ASP I 107 6.42 1.57 -11.96
C ASP I 107 5.51 2.09 -13.06
N SER I 108 4.20 1.96 -12.86
CA SER I 108 3.20 2.43 -13.83
C SER I 108 2.96 3.92 -13.64
N ALA I 109 3.24 4.42 -12.45
CA ALA I 109 3.05 5.84 -12.16
C ALA I 109 4.09 6.32 -11.16
N LEU I 110 5.34 6.40 -11.61
CA LEU I 110 6.44 6.82 -10.76
C LEU I 110 6.39 8.27 -10.32
N ALA I 111 6.93 8.52 -9.14
CA ALA I 111 6.99 9.87 -8.60
C ALA I 111 8.44 10.11 -8.21
N GLY I 112 8.94 11.30 -8.49
CA GLY I 112 10.32 11.62 -8.14
C GLY I 112 10.40 12.87 -7.30
N GLN I 113 11.16 12.80 -6.21
CA GLN I 113 11.30 13.94 -5.34
C GLN I 113 12.73 14.46 -5.33
N ILE I 114 12.88 15.78 -5.21
CA ILE I 114 14.19 16.40 -5.19
C ILE I 114 14.49 17.02 -3.83
N GLY I 115 15.50 16.49 -3.15
CA GLY I 115 15.86 17.01 -1.84
C GLY I 115 15.26 16.29 -0.66
N THR I 116 14.27 15.43 -0.90
CA THR I 116 13.64 14.70 0.19
C THR I 116 13.30 13.27 -0.20
N ASP I 117 12.78 12.51 0.76
CA ASP I 117 12.40 11.12 0.53
C ASP I 117 10.94 11.08 0.09
N CYS I 118 10.45 9.92 -0.36
CA CYS I 118 9.06 9.85 -0.78
C CYS I 118 8.28 8.55 -0.67
N ASP I 119 7.02 8.63 -1.11
CA ASP I 119 6.05 7.54 -1.10
C ASP I 119 5.41 7.39 0.27
#